data_5HU0
#
_entry.id   5HU0
#
_cell.length_a   86.475
_cell.length_b   89.822
_cell.length_c   131.134
_cell.angle_alpha   90.000
_cell.angle_beta   90.000
_cell.angle_gamma   90.000
#
_symmetry.space_group_name_H-M   'P 21 21 21'
#
loop_
_entity.id
_entity.type
_entity.pdbx_description
1 polymer 'Beta-secretase 1'
2 non-polymer 'L(+)-TARTARIC ACID'
3 non-polymer N-{3-[(2E,4R)-2-imino-1-methyl-5-oxo-4-phenylimidazolidin-4-yl]phenyl}furan-2-carboxamide
4 water water
#
_entity_poly.entity_id   1
_entity_poly.type   'polypeptide(L)'
_entity_poly.pdbx_seq_one_letter_code
;LPRETDEEPEEPGRRGSFVEMVDNLRGKSGQGYYVEMTVGSPPQTLNILVDTGSSNFAVGAAPHPFLHRYYQRQLSSTYR
DLRKGVYVPYTQGKWEGELGTDLVSIPHGPNVTVRANIAAITESDKFFINGSNWEGILGLAYAEIARPDDSLEPFFDSLV
KQTHVPNLFSLQLCGAGFPLNQSEVLASVGGSMIIGGIDHSLYTGSLWYTPIRREWYYEVIIVRVEINGQDLKMDCKEYN
YDKSIVDSGTTNLRLPKKVFEAAVKSIKAASSTEKFPDGFWLGEQLVCWQAGTTPWNIFPVISLYLMGEVTNQSFRITIL
PQQYLRPVEDVATSQDDCYKFAISQSSTGTVMGAVIMEGFYVVFDRARKRIGFAVSACHVHDEFRTAAVEGPFVTLDMED
CGYNIPQTDEST
;
_entity_poly.pdbx_strand_id   A,B
#
loop_
_chem_comp.id
_chem_comp.type
_chem_comp.name
_chem_comp.formula
66H non-polymer N-{3-[(2E,4R)-2-imino-1-methyl-5-oxo-4-phenylimidazolidin-4-yl]phenyl}furan-2-carboxamide 'C21 H18 N4 O3'
TLA non-polymer 'L(+)-TARTARIC ACID' 'C4 H6 O6'
#
# COMPACT_ATOMS: atom_id res chain seq x y z
N GLY A 16 -7.39 41.73 0.13
CA GLY A 16 -8.35 42.26 -0.83
C GLY A 16 -7.93 42.26 -2.29
N SER A 17 -7.19 43.34 -2.70
CA SER A 17 -6.71 43.58 -4.07
C SER A 17 -5.24 44.02 -4.01
N PHE A 18 -4.40 43.35 -4.79
CA PHE A 18 -2.94 43.54 -4.84
C PHE A 18 -2.54 43.58 -6.29
N VAL A 19 -3.07 44.59 -7.00
CA VAL A 19 -2.94 44.79 -8.45
C VAL A 19 -1.48 44.78 -8.91
N GLU A 20 -0.55 45.33 -8.10
CA GLU A 20 0.88 45.36 -8.46
C GLU A 20 1.49 43.95 -8.62
N MET A 21 0.96 42.96 -7.91
CA MET A 21 1.46 41.58 -7.99
C MET A 21 0.62 40.66 -8.86
N VAL A 22 -0.61 41.05 -9.21
CA VAL A 22 -1.45 40.20 -10.07
C VAL A 22 -0.75 40.08 -11.45
N ASP A 23 -0.74 38.86 -12.03
CA ASP A 23 -0.16 38.58 -13.35
C ASP A 23 1.37 38.73 -13.38
N ASN A 24 2.05 38.49 -12.24
CA ASN A 24 3.51 38.64 -12.19
C ASN A 24 4.26 37.34 -12.51
N LEU A 25 3.55 36.24 -12.82
CA LEU A 25 4.19 34.97 -13.18
C LEU A 25 4.11 34.68 -14.65
N ARG A 26 5.07 33.89 -15.14
CA ARG A 26 5.08 33.35 -16.50
C ARG A 26 5.55 31.90 -16.40
N GLY A 27 5.32 31.14 -17.47
CA GLY A 27 5.76 29.75 -17.53
C GLY A 27 4.62 28.79 -17.71
N LYS A 28 4.89 27.51 -17.45
CA LYS A 28 3.92 26.44 -17.63
C LYS A 28 4.26 25.25 -16.76
N SER A 29 3.35 24.28 -16.65
CA SER A 29 3.55 23.15 -15.74
C SER A 29 4.78 22.30 -16.02
N GLY A 30 5.11 22.08 -17.30
CA GLY A 30 6.24 21.23 -17.63
C GLY A 30 7.60 21.87 -17.37
N GLN A 31 7.72 23.20 -17.49
CA GLN A 31 9.02 23.90 -17.37
C GLN A 31 9.17 24.77 -16.14
N GLY A 32 8.05 25.03 -15.46
CA GLY A 32 8.03 25.80 -14.22
C GLY A 32 7.46 27.18 -14.37
N TYR A 33 6.92 27.71 -13.25
CA TYR A 33 6.39 29.06 -13.20
C TYR A 33 7.40 29.94 -12.49
N TYR A 34 7.69 31.10 -13.08
CA TYR A 34 8.73 31.97 -12.53
C TYR A 34 8.27 33.41 -12.36
N VAL A 35 8.96 34.11 -11.47
CA VAL A 35 8.75 35.52 -11.15
C VAL A 35 10.07 36.30 -11.38
N GLU A 36 9.96 37.56 -11.78
CA GLU A 36 11.14 38.37 -11.97
C GLU A 36 11.64 38.85 -10.61
N MET A 37 12.96 38.80 -10.43
CA MET A 37 13.61 39.30 -9.21
C MET A 37 14.87 40.07 -9.61
N THR A 38 15.38 40.90 -8.72
CA THR A 38 16.65 41.57 -8.96
C THR A 38 17.57 41.23 -7.78
N VAL A 39 18.84 41.04 -8.07
CA VAL A 39 19.86 40.77 -7.06
C VAL A 39 21.02 41.79 -7.25
N GLY A 40 21.61 42.25 -6.16
CA GLY A 40 22.78 43.11 -6.18
C GLY A 40 22.57 44.58 -6.40
N SER A 41 23.69 45.34 -6.35
CA SER A 41 23.73 46.79 -6.54
C SER A 41 24.84 47.11 -7.57
N PRO A 42 24.50 47.66 -8.75
CA PRO A 42 23.14 47.99 -9.25
C PRO A 42 22.32 46.69 -9.46
N PRO A 43 20.97 46.75 -9.44
CA PRO A 43 20.19 45.52 -9.58
C PRO A 43 20.42 44.73 -10.87
N GLN A 44 20.57 43.40 -10.73
CA GLN A 44 20.72 42.46 -11.84
C GLN A 44 19.40 41.69 -11.92
N THR A 45 18.69 41.85 -13.02
CA THR A 45 17.39 41.19 -13.23
C THR A 45 17.57 39.73 -13.60
N LEU A 46 16.81 38.84 -12.92
CA LEU A 46 16.79 37.41 -13.22
C LEU A 46 15.36 36.88 -13.11
N ASN A 47 15.04 35.82 -13.86
CA ASN A 47 13.77 35.10 -13.77
C ASN A 47 13.96 33.93 -12.86
N ILE A 48 13.10 33.82 -11.86
CA ILE A 48 13.29 32.86 -10.79
C ILE A 48 12.11 31.91 -10.59
N LEU A 49 12.37 30.60 -10.65
CA LEU A 49 11.34 29.58 -10.44
C LEU A 49 10.72 29.69 -9.05
N VAL A 50 9.37 29.68 -9.00
CA VAL A 50 8.65 29.70 -7.73
C VAL A 50 8.57 28.23 -7.25
N ASP A 51 9.31 27.91 -6.18
CA ASP A 51 9.40 26.53 -5.71
C ASP A 51 9.01 26.34 -4.24
N THR A 52 7.77 25.87 -3.97
CA THR A 52 7.31 25.66 -2.60
C THR A 52 7.84 24.34 -2.01
N GLY A 53 8.62 23.58 -2.79
CA GLY A 53 9.16 22.29 -2.35
C GLY A 53 10.62 22.30 -1.94
N SER A 54 11.24 23.49 -1.81
CA SER A 54 12.65 23.62 -1.37
C SER A 54 12.78 24.95 -0.65
N SER A 55 13.94 25.21 -0.04
CA SER A 55 14.09 26.37 0.83
C SER A 55 15.32 27.24 0.62
N ASN A 56 16.05 27.06 -0.51
CA ASN A 56 17.19 27.90 -0.87
C ASN A 56 16.84 28.87 -2.00
N PHE A 57 17.38 30.08 -1.93
CA PHE A 57 17.33 31.03 -3.04
C PHE A 57 18.67 30.76 -3.76
N ALA A 58 18.60 30.05 -4.89
CA ALA A 58 19.78 29.58 -5.62
C ALA A 58 19.72 30.05 -7.03
N VAL A 59 20.76 30.82 -7.47
CA VAL A 59 20.78 31.42 -8.81
C VAL A 59 22.03 31.06 -9.60
N GLY A 60 21.87 30.93 -10.91
CA GLY A 60 23.00 30.73 -11.82
C GLY A 60 23.96 31.90 -11.65
N ALA A 61 25.22 31.60 -11.39
CA ALA A 61 26.24 32.63 -11.19
C ALA A 61 27.50 32.38 -12.01
N ALA A 62 27.39 31.55 -13.04
CA ALA A 62 28.49 31.22 -13.95
C ALA A 62 27.87 30.80 -15.29
N PRO A 63 28.59 30.94 -16.44
CA PRO A 63 27.99 30.55 -17.72
C PRO A 63 27.52 29.11 -17.77
N HIS A 64 26.40 28.89 -18.45
CA HIS A 64 25.81 27.57 -18.64
C HIS A 64 25.17 27.59 -20.03
N PRO A 65 25.22 26.48 -20.82
CA PRO A 65 24.63 26.53 -22.17
C PRO A 65 23.15 26.94 -22.24
N PHE A 66 22.37 26.69 -21.18
CA PHE A 66 20.93 27.04 -21.17
C PHE A 66 20.63 28.37 -20.46
N LEU A 67 21.67 29.13 -20.06
CA LEU A 67 21.50 30.44 -19.44
C LEU A 67 21.94 31.55 -20.40
N HIS A 68 21.13 32.60 -20.57
CA HIS A 68 21.56 33.73 -21.37
C HIS A 68 21.95 34.90 -20.46
N ARG A 69 21.78 34.72 -19.12
CA ARG A 69 22.18 35.65 -18.08
C ARG A 69 22.38 34.94 -16.77
N TYR A 70 23.21 35.53 -15.90
CA TYR A 70 23.51 34.97 -14.61
C TYR A 70 23.97 36.08 -13.65
N TYR A 71 23.92 35.77 -12.34
CA TYR A 71 24.35 36.69 -11.29
C TYR A 71 25.87 36.85 -11.34
N GLN A 72 26.33 38.09 -11.46
CA GLN A 72 27.76 38.46 -11.51
C GLN A 72 28.11 39.16 -10.21
N ARG A 73 28.59 38.38 -9.23
CA ARG A 73 28.89 38.88 -7.87
C ARG A 73 29.91 40.01 -7.87
N GLN A 74 30.89 39.95 -8.78
CA GLN A 74 31.97 40.96 -8.90
C GLN A 74 31.44 42.33 -9.35
N LEU A 75 30.19 42.37 -9.89
CA LEU A 75 29.55 43.62 -10.33
C LEU A 75 28.59 44.19 -9.28
N SER A 76 28.46 43.51 -8.13
CA SER A 76 27.57 43.95 -7.07
C SER A 76 28.36 44.51 -5.92
N SER A 77 28.14 45.79 -5.60
CA SER A 77 28.84 46.46 -4.51
C SER A 77 28.36 45.99 -3.12
N THR A 78 27.13 45.39 -3.07
CA THR A 78 26.50 44.92 -1.83
C THR A 78 26.67 43.41 -1.66
N TYR A 79 27.39 42.76 -2.57
CA TYR A 79 27.68 41.35 -2.44
C TYR A 79 28.54 41.08 -1.20
N ARG A 80 28.16 40.05 -0.39
CA ARG A 80 28.95 39.64 0.78
C ARG A 80 29.20 38.14 0.66
N ASP A 81 30.46 37.75 0.66
CA ASP A 81 30.86 36.36 0.54
C ASP A 81 30.76 35.69 1.93
N LEU A 82 30.07 34.55 2.03
CA LEU A 82 29.95 33.80 3.29
C LEU A 82 31.07 32.77 3.46
N ARG A 83 31.96 32.64 2.47
CA ARG A 83 33.11 31.73 2.46
C ARG A 83 32.70 30.29 2.78
N LYS A 84 31.63 29.80 2.15
CA LYS A 84 31.12 28.47 2.41
C LYS A 84 30.49 27.96 1.13
N GLY A 85 30.78 26.72 0.79
CA GLY A 85 30.23 26.07 -0.39
C GLY A 85 28.96 25.32 -0.03
N VAL A 86 28.20 24.95 -1.04
CA VAL A 86 26.98 24.16 -0.87
C VAL A 86 26.95 23.19 -2.04
N TYR A 87 26.77 21.90 -1.75
CA TYR A 87 26.72 20.87 -2.79
C TYR A 87 25.37 20.15 -2.67
N VAL A 88 24.55 20.22 -3.72
CA VAL A 88 23.22 19.64 -3.64
C VAL A 88 22.96 18.62 -4.76
N PRO A 89 23.37 17.34 -4.58
CA PRO A 89 22.96 16.34 -5.58
C PRO A 89 21.50 15.94 -5.25
N TYR A 90 20.62 15.91 -6.25
CA TYR A 90 19.24 15.50 -6.04
C TYR A 90 18.88 14.39 -7.04
N THR A 91 17.65 13.84 -6.97
CA THR A 91 17.25 12.72 -7.84
C THR A 91 17.49 13.00 -9.34
N GLN A 92 16.94 14.11 -9.85
CA GLN A 92 16.99 14.43 -11.27
C GLN A 92 18.21 15.24 -11.74
N GLY A 93 19.14 15.53 -10.83
CA GLY A 93 20.33 16.30 -11.18
C GLY A 93 21.17 16.76 -10.01
N LYS A 94 21.88 17.88 -10.19
CA LYS A 94 22.74 18.41 -9.13
C LYS A 94 23.05 19.86 -9.37
N TRP A 95 23.27 20.57 -8.27
CA TRP A 95 23.74 21.94 -8.31
C TRP A 95 24.72 22.18 -7.20
N GLU A 96 25.69 23.02 -7.46
CA GLU A 96 26.65 23.35 -6.44
C GLU A 96 27.03 24.79 -6.57
N GLY A 97 27.39 25.39 -5.47
CA GLY A 97 27.75 26.78 -5.50
C GLY A 97 28.35 27.33 -4.23
N GLU A 98 28.36 28.65 -4.16
CA GLU A 98 28.99 29.41 -3.09
C GLU A 98 27.97 30.29 -2.42
N LEU A 99 27.92 30.22 -1.10
CA LEU A 99 26.98 30.98 -0.31
C LEU A 99 27.47 32.40 -0.08
N GLY A 100 26.53 33.32 -0.07
CA GLY A 100 26.76 34.73 0.13
C GLY A 100 25.45 35.42 0.40
N THR A 101 25.50 36.74 0.57
CA THR A 101 24.30 37.53 0.77
C THR A 101 24.35 38.74 -0.16
N ASP A 102 23.18 39.32 -0.45
CA ASP A 102 23.07 40.51 -1.28
C ASP A 102 21.71 41.13 -1.12
N LEU A 103 21.50 42.31 -1.70
CA LEU A 103 20.19 42.96 -1.67
C LEU A 103 19.32 42.40 -2.79
N VAL A 104 18.09 42.04 -2.44
CA VAL A 104 17.15 41.35 -3.34
C VAL A 104 15.81 42.11 -3.33
N SER A 105 15.18 42.22 -4.53
CA SER A 105 13.86 42.85 -4.71
C SER A 105 13.04 42.01 -5.64
N ILE A 106 11.73 42.23 -5.60
CA ILE A 106 10.76 41.58 -6.49
C ILE A 106 10.06 42.75 -7.20
N PRO A 107 10.48 43.09 -8.44
CA PRO A 107 9.91 44.27 -9.12
C PRO A 107 8.37 44.32 -9.17
N HIS A 108 7.71 43.16 -9.39
CA HIS A 108 6.24 43.10 -9.37
C HIS A 108 5.83 42.39 -8.08
N GLY A 109 6.25 42.98 -6.97
CA GLY A 109 6.07 42.41 -5.64
C GLY A 109 5.88 43.51 -4.62
N PRO A 110 6.17 43.26 -3.34
CA PRO A 110 6.06 44.36 -2.36
C PRO A 110 7.19 45.36 -2.65
N ASN A 111 6.97 46.63 -2.37
CA ASN A 111 7.99 47.62 -2.70
C ASN A 111 9.01 47.68 -1.55
N VAL A 112 9.80 46.62 -1.43
CA VAL A 112 10.82 46.47 -0.37
C VAL A 112 12.07 45.84 -0.95
N THR A 113 13.21 46.06 -0.30
CA THR A 113 14.50 45.46 -0.67
C THR A 113 14.99 44.80 0.58
N VAL A 114 15.40 43.55 0.48
CA VAL A 114 15.84 42.82 1.67
C VAL A 114 17.24 42.27 1.50
N ARG A 115 17.96 42.05 2.61
CA ARG A 115 19.25 41.38 2.51
C ARG A 115 18.97 39.89 2.70
N ALA A 116 19.27 39.10 1.67
CA ALA A 116 18.97 37.67 1.69
C ALA A 116 20.16 36.82 1.35
N ASN A 117 20.09 35.55 1.77
CA ASN A 117 21.10 34.58 1.38
C ASN A 117 20.91 34.22 -0.08
N ILE A 118 22.02 34.00 -0.77
CA ILE A 118 22.02 33.59 -2.15
C ILE A 118 23.04 32.48 -2.34
N ALA A 119 22.61 31.36 -2.94
CA ALA A 119 23.56 30.33 -3.32
C ALA A 119 23.88 30.62 -4.78
N ALA A 120 25.15 31.02 -5.05
CA ALA A 120 25.61 31.37 -6.38
C ALA A 120 26.04 30.08 -7.04
N ILE A 121 25.21 29.58 -7.99
CA ILE A 121 25.47 28.30 -8.64
C ILE A 121 26.62 28.41 -9.61
N THR A 122 27.69 27.64 -9.36
CA THR A 122 28.91 27.65 -10.17
C THR A 122 29.00 26.44 -11.09
N GLU A 123 28.32 25.34 -10.71
CA GLU A 123 28.28 24.10 -11.50
C GLU A 123 26.93 23.46 -11.28
N SER A 124 26.37 22.88 -12.35
CA SER A 124 25.10 22.17 -12.24
C SER A 124 24.97 21.13 -13.34
N ASP A 125 24.14 20.11 -13.08
CA ASP A 125 23.87 19.05 -14.06
C ASP A 125 22.35 18.84 -14.12
N LYS A 126 21.76 18.97 -15.33
CA LYS A 126 20.32 18.79 -15.62
C LYS A 126 19.44 19.64 -14.67
N PHE A 127 19.96 20.82 -14.25
CA PHE A 127 19.23 21.70 -13.34
C PHE A 127 18.50 22.75 -14.17
N PHE A 128 19.24 23.50 -14.97
CA PHE A 128 18.63 24.49 -15.84
C PHE A 128 17.95 23.78 -17.02
N ILE A 129 16.73 24.20 -17.37
CA ILE A 129 15.96 23.60 -18.48
C ILE A 129 16.12 24.46 -19.72
N ASN A 130 16.50 23.86 -20.85
CA ASN A 130 16.60 24.58 -22.12
C ASN A 130 15.21 25.17 -22.52
N GLY A 131 15.14 26.49 -22.60
CA GLY A 131 13.93 27.21 -23.00
C GLY A 131 12.97 27.60 -21.89
N SER A 132 13.23 27.20 -20.61
CA SER A 132 12.38 27.50 -19.45
C SER A 132 12.27 29.00 -19.15
N ASN A 133 13.33 29.76 -19.48
CA ASN A 133 13.46 31.19 -19.28
C ASN A 133 13.75 31.57 -17.80
N TRP A 134 14.11 30.60 -16.92
CA TRP A 134 14.49 30.97 -15.55
C TRP A 134 15.96 30.68 -15.29
N GLU A 135 16.55 31.48 -14.42
CA GLU A 135 17.98 31.46 -14.13
C GLU A 135 18.29 31.12 -12.69
N GLY A 136 17.27 30.76 -11.93
CA GLY A 136 17.45 30.42 -10.52
C GLY A 136 16.13 29.96 -9.93
N ILE A 137 16.16 29.56 -8.66
CA ILE A 137 14.98 29.06 -7.97
C ILE A 137 14.81 29.77 -6.66
N LEU A 138 13.56 30.00 -6.29
CA LEU A 138 13.19 30.64 -5.04
C LEU A 138 12.52 29.59 -4.18
N GLY A 139 13.30 29.00 -3.27
CA GLY A 139 12.79 27.99 -2.34
C GLY A 139 11.97 28.67 -1.26
N LEU A 140 10.66 28.42 -1.28
CA LEU A 140 9.71 29.07 -0.39
C LEU A 140 9.32 28.25 0.82
N ALA A 141 9.86 27.03 0.96
CA ALA A 141 9.54 26.20 2.13
C ALA A 141 10.40 26.63 3.35
N TYR A 142 10.36 25.86 4.46
CA TYR A 142 10.97 26.26 5.71
C TYR A 142 12.47 25.89 5.88
N ALA A 143 13.14 26.55 6.84
CA ALA A 143 14.58 26.39 7.13
C ALA A 143 15.02 24.96 7.38
N GLU A 144 14.14 24.11 7.94
CA GLU A 144 14.48 22.70 8.22
C GLU A 144 15.09 21.97 7.02
N ILE A 145 14.60 22.27 5.80
CA ILE A 145 15.10 21.58 4.59
C ILE A 145 16.04 22.48 3.74
N ALA A 146 16.53 23.59 4.33
CA ALA A 146 17.50 24.44 3.61
C ALA A 146 18.84 23.73 3.54
N ARG A 147 19.59 23.95 2.45
CA ARG A 147 20.92 23.35 2.29
C ARG A 147 21.96 24.44 2.54
N PRO A 148 23.08 24.15 3.23
CA PRO A 148 23.50 22.82 3.77
C PRO A 148 22.79 22.36 5.04
N ASP A 149 22.17 23.30 5.75
CA ASP A 149 21.50 23.02 7.02
C ASP A 149 20.53 24.15 7.32
N ASP A 150 19.79 24.03 8.43
CA ASP A 150 18.74 24.97 8.79
C ASP A 150 19.23 26.34 9.31
N SER A 151 20.56 26.56 9.38
CA SER A 151 21.03 27.88 9.81
C SER A 151 20.99 28.88 8.64
N LEU A 152 20.79 28.41 7.40
CA LEU A 152 20.74 29.30 6.24
C LEU A 152 19.31 29.82 6.07
N GLU A 153 19.04 31.01 6.62
CA GLU A 153 17.73 31.60 6.59
C GLU A 153 17.11 31.66 5.18
N PRO A 154 15.93 31.03 4.94
CA PRO A 154 15.30 31.11 3.61
C PRO A 154 14.88 32.55 3.28
N PHE A 155 14.71 32.84 2.00
CA PHE A 155 14.33 34.19 1.56
C PHE A 155 13.08 34.77 2.25
N PHE A 156 11.97 33.99 2.28
CA PHE A 156 10.70 34.52 2.81
C PHE A 156 10.83 34.86 4.29
N ASP A 157 11.65 34.09 5.04
CA ASP A 157 11.90 34.34 6.47
C ASP A 157 12.62 35.71 6.61
N SER A 158 13.62 35.97 5.76
CA SER A 158 14.36 37.25 5.74
C SER A 158 13.42 38.40 5.39
N LEU A 159 12.58 38.19 4.36
CA LEU A 159 11.60 39.18 3.92
C LEU A 159 10.65 39.59 5.08
N VAL A 160 10.14 38.61 5.82
CA VAL A 160 9.22 38.86 6.93
C VAL A 160 9.95 39.53 8.10
N LYS A 161 11.16 39.07 8.42
CA LYS A 161 11.92 39.62 9.56
C LYS A 161 12.33 41.07 9.32
N GLN A 162 12.73 41.38 8.08
CA GLN A 162 13.23 42.72 7.75
C GLN A 162 12.17 43.75 7.35
N THR A 163 10.94 43.33 7.06
CA THR A 163 9.91 44.28 6.58
C THR A 163 8.60 44.11 7.36
N HIS A 164 7.55 44.85 6.95
CA HIS A 164 6.22 44.69 7.57
C HIS A 164 5.33 43.77 6.72
N VAL A 165 5.91 43.08 5.73
CA VAL A 165 5.15 42.15 4.87
C VAL A 165 4.54 41.01 5.71
N PRO A 166 3.19 40.85 5.71
CA PRO A 166 2.59 39.73 6.47
C PRO A 166 3.16 38.35 6.07
N ASN A 167 3.22 37.42 7.04
CA ASN A 167 3.82 36.10 6.88
C ASN A 167 2.89 35.14 6.12
N LEU A 168 2.64 35.44 4.86
CA LEU A 168 1.71 34.69 4.04
C LEU A 168 2.00 35.00 2.59
N PHE A 169 1.85 34.01 1.71
CA PHE A 169 1.91 34.27 0.28
C PHE A 169 0.85 33.40 -0.37
N SER A 170 0.43 33.73 -1.61
CA SER A 170 -0.57 32.92 -2.31
C SER A 170 -0.21 32.78 -3.76
N LEU A 171 -0.54 31.63 -4.36
CA LEU A 171 -0.15 31.34 -5.73
C LEU A 171 -1.33 30.94 -6.60
N GLN A 172 -1.43 31.59 -7.75
CA GLN A 172 -2.43 31.24 -8.76
C GLN A 172 -1.59 30.85 -9.98
N LEU A 173 -1.42 29.55 -10.23
CA LEU A 173 -0.66 29.08 -11.41
C LEU A 173 -1.69 28.82 -12.53
N CYS A 174 -1.50 29.44 -13.68
CA CYS A 174 -2.46 29.36 -14.77
C CYS A 174 -1.99 28.53 -15.96
N GLY A 175 -2.50 27.31 -16.09
CA GLY A 175 -2.22 26.49 -17.26
C GLY A 175 -3.03 27.02 -18.42
N ALA A 176 -2.45 27.08 -19.65
CA ALA A 176 -3.22 27.63 -20.79
C ALA A 176 -4.33 26.68 -21.26
N GLY A 177 -4.13 25.38 -21.08
CA GLY A 177 -5.08 24.37 -21.56
C GLY A 177 -4.73 23.87 -22.96
N PHE A 178 -3.65 24.41 -23.51
CA PHE A 178 -3.19 24.06 -24.84
C PHE A 178 -1.68 24.38 -24.87
N PRO A 179 -0.92 23.90 -25.88
CA PRO A 179 0.51 24.19 -25.91
C PRO A 179 0.77 25.66 -26.24
N LEU A 180 1.81 26.20 -25.62
CA LEU A 180 2.29 27.57 -25.89
C LEU A 180 3.67 27.40 -26.49
N ASN A 181 3.90 27.96 -27.69
CA ASN A 181 5.25 27.85 -28.29
C ASN A 181 6.23 28.80 -27.56
N GLN A 182 7.50 28.79 -27.99
CA GLN A 182 8.59 29.63 -27.47
C GLN A 182 8.17 31.10 -27.30
N SER A 183 7.62 31.74 -28.36
CA SER A 183 7.18 33.14 -28.31
C SER A 183 5.99 33.37 -27.39
N GLU A 184 4.96 32.50 -27.50
CA GLU A 184 3.73 32.64 -26.71
C GLU A 184 3.99 32.53 -25.22
N VAL A 185 4.80 31.54 -24.79
CA VAL A 185 5.07 31.35 -23.36
C VAL A 185 5.81 32.59 -22.78
N LEU A 186 6.61 33.30 -23.60
CA LEU A 186 7.28 34.53 -23.15
C LEU A 186 6.31 35.69 -23.08
N ALA A 187 5.30 35.70 -23.96
CA ALA A 187 4.32 36.79 -24.00
C ALA A 187 3.06 36.59 -23.15
N SER A 188 2.82 35.37 -22.65
CA SER A 188 1.62 35.04 -21.91
C SER A 188 1.77 35.27 -20.39
N VAL A 189 0.67 35.62 -19.76
CA VAL A 189 0.61 35.74 -18.31
C VAL A 189 0.40 34.30 -17.78
N GLY A 190 1.30 33.84 -16.94
CA GLY A 190 1.25 32.50 -16.37
C GLY A 190 0.61 32.43 -14.99
N GLY A 191 0.24 33.56 -14.42
CA GLY A 191 -0.42 33.55 -13.12
C GLY A 191 0.06 34.60 -12.17
N SER A 192 -0.19 34.40 -10.85
CA SER A 192 0.18 35.41 -9.83
C SER A 192 0.78 34.80 -8.60
N MET A 193 1.75 35.50 -8.03
CA MET A 193 2.28 35.23 -6.70
C MET A 193 2.03 36.51 -5.89
N ILE A 194 1.11 36.45 -4.92
CA ILE A 194 0.77 37.60 -4.10
C ILE A 194 1.54 37.43 -2.80
N ILE A 195 2.50 38.31 -2.59
CA ILE A 195 3.36 38.30 -1.42
C ILE A 195 2.75 39.18 -0.35
N GLY A 196 2.40 38.56 0.78
CA GLY A 196 1.82 39.25 1.92
C GLY A 196 0.31 39.31 1.98
N GLY A 197 -0.38 38.65 1.05
CA GLY A 197 -1.83 38.71 1.05
C GLY A 197 -2.57 37.75 0.14
N ILE A 198 -3.89 37.97 0.07
CA ILE A 198 -4.84 37.18 -0.69
C ILE A 198 -5.58 38.14 -1.60
N ASP A 199 -5.61 37.83 -2.90
CA ASP A 199 -6.32 38.70 -3.83
C ASP A 199 -7.58 37.99 -4.24
N HIS A 200 -8.73 38.56 -3.86
CA HIS A 200 -10.06 37.98 -4.10
C HIS A 200 -10.43 37.85 -5.57
N SER A 201 -9.73 38.53 -6.49
CA SER A 201 -10.05 38.39 -7.92
C SER A 201 -9.50 37.10 -8.50
N LEU A 202 -8.60 36.39 -7.77
CA LEU A 202 -7.92 35.21 -8.33
C LEU A 202 -8.67 33.90 -8.11
N TYR A 203 -9.79 33.94 -7.40
CA TYR A 203 -10.58 32.75 -7.13
C TYR A 203 -12.08 33.00 -7.12
N THR A 204 -12.85 31.92 -7.14
CA THR A 204 -14.32 31.95 -7.03
C THR A 204 -14.70 31.04 -5.87
N GLY A 205 -15.86 31.28 -5.27
CA GLY A 205 -16.32 30.48 -4.15
C GLY A 205 -15.54 30.75 -2.88
N SER A 206 -15.52 29.78 -1.97
CA SER A 206 -14.84 29.95 -0.69
C SER A 206 -13.45 29.36 -0.61
N LEU A 207 -12.64 29.91 0.32
CA LEU A 207 -11.35 29.32 0.64
C LEU A 207 -11.57 28.33 1.76
N TRP A 208 -11.00 27.13 1.62
CA TRP A 208 -11.05 26.11 2.65
C TRP A 208 -9.61 25.84 3.08
N TYR A 209 -9.38 25.69 4.39
CA TYR A 209 -8.03 25.53 4.91
C TYR A 209 -7.77 24.17 5.50
N THR A 210 -6.57 23.67 5.21
CA THR A 210 -6.07 22.42 5.76
C THR A 210 -4.85 22.81 6.62
N PRO A 211 -4.61 22.16 7.78
CA PRO A 211 -3.41 22.53 8.57
C PRO A 211 -2.09 22.17 7.90
N ILE A 212 -1.05 22.98 8.15
CA ILE A 212 0.31 22.62 7.75
C ILE A 212 0.68 21.67 8.91
N ARG A 213 0.85 20.37 8.62
CA ARG A 213 1.12 19.36 9.65
C ARG A 213 2.39 19.67 10.42
N ARG A 214 3.44 20.04 9.68
CA ARG A 214 4.76 20.35 10.20
C ARG A 214 5.40 21.33 9.21
N GLU A 215 6.20 22.25 9.74
CA GLU A 215 6.90 23.25 8.96
C GLU A 215 8.28 22.82 8.46
N TRP A 216 8.34 22.14 7.32
CA TRP A 216 9.61 21.74 6.69
C TRP A 216 9.29 21.88 5.21
N TYR A 217 8.62 20.91 4.60
CA TYR A 217 7.95 21.11 3.32
C TYR A 217 6.61 21.72 3.74
N TYR A 218 5.75 22.07 2.77
CA TYR A 218 4.39 22.45 3.12
C TYR A 218 3.63 21.14 3.19
N GLU A 219 3.74 20.45 4.34
CA GLU A 219 3.13 19.14 4.54
C GLU A 219 1.66 19.22 4.96
N VAL A 220 0.82 18.38 4.30
CA VAL A 220 -0.61 18.30 4.56
C VAL A 220 -1.03 16.85 4.76
N ILE A 221 -2.33 16.63 5.11
CA ILE A 221 -2.85 15.26 5.31
C ILE A 221 -4.10 15.04 4.46
N ILE A 222 -4.01 14.07 3.55
CA ILE A 222 -5.10 13.60 2.69
C ILE A 222 -5.83 12.50 3.49
N VAL A 223 -7.15 12.59 3.62
CA VAL A 223 -7.93 11.65 4.44
C VAL A 223 -8.83 10.71 3.63
N ARG A 224 -9.06 11.03 2.33
CA ARG A 224 -9.92 10.22 1.46
C ARG A 224 -9.60 10.59 0.01
N VAL A 225 -9.71 9.63 -0.89
CA VAL A 225 -9.49 9.85 -2.32
C VAL A 225 -10.64 9.20 -3.05
N GLU A 226 -11.23 9.93 -4.02
CA GLU A 226 -12.28 9.42 -4.89
C GLU A 226 -11.89 9.62 -6.35
N ILE A 227 -12.36 8.71 -7.21
CA ILE A 227 -12.23 8.79 -8.66
C ILE A 227 -13.65 8.77 -9.15
N ASN A 228 -14.16 9.89 -9.68
CA ASN A 228 -15.56 9.98 -10.09
C ASN A 228 -16.53 9.55 -8.93
N GLY A 229 -16.25 10.04 -7.72
CA GLY A 229 -17.05 9.77 -6.53
C GLY A 229 -16.88 8.38 -5.92
N GLN A 230 -16.12 7.48 -6.59
CA GLN A 230 -15.88 6.14 -6.07
C GLN A 230 -14.68 6.17 -5.16
N ASP A 231 -14.88 5.75 -3.90
CA ASP A 231 -13.82 5.80 -2.91
C ASP A 231 -12.69 4.82 -3.29
N LEU A 232 -11.43 5.27 -3.30
CA LEU A 232 -10.29 4.40 -3.61
C LEU A 232 -10.15 3.33 -2.52
N LYS A 233 -10.74 3.61 -1.35
CA LYS A 233 -10.91 2.73 -0.17
C LYS A 233 -9.61 2.18 0.41
N MET A 234 -8.53 3.00 0.39
CA MET A 234 -7.27 2.55 0.99
C MET A 234 -7.22 3.07 2.41
N ASP A 235 -6.38 2.44 3.27
CA ASP A 235 -6.11 2.95 4.62
C ASP A 235 -5.53 4.33 4.31
N CYS A 236 -6.08 5.40 4.87
CA CYS A 236 -5.68 6.76 4.56
C CYS A 236 -4.21 7.07 4.84
N LYS A 237 -3.55 6.25 5.69
CA LYS A 237 -2.12 6.40 5.95
C LYS A 237 -1.33 6.18 4.64
N GLU A 238 -1.88 5.35 3.73
CA GLU A 238 -1.24 5.09 2.44
C GLU A 238 -1.13 6.35 1.59
N TYR A 239 -2.12 7.24 1.70
CA TYR A 239 -2.15 8.48 0.92
C TYR A 239 -1.04 9.47 1.30
N ASN A 240 -0.55 9.35 2.53
CA ASN A 240 0.46 10.24 3.09
C ASN A 240 1.75 9.50 3.45
N TYR A 241 2.02 8.40 2.75
CA TYR A 241 3.20 7.60 3.00
C TYR A 241 4.34 7.95 2.02
N ASP A 242 5.45 8.57 2.48
CA ASP A 242 5.78 8.92 3.88
C ASP A 242 5.41 10.33 4.29
N LYS A 243 4.86 11.14 3.34
CA LYS A 243 4.36 12.50 3.60
C LYS A 243 3.52 12.93 2.41
N SER A 244 2.77 14.03 2.54
CA SER A 244 2.05 14.63 1.41
C SER A 244 2.42 16.10 1.42
N ILE A 245 2.86 16.63 0.29
CA ILE A 245 3.30 18.04 0.21
C ILE A 245 2.66 18.80 -0.95
N VAL A 246 2.67 20.14 -0.85
CA VAL A 246 2.21 21.04 -1.93
C VAL A 246 3.48 21.61 -2.52
N ASP A 247 3.75 21.29 -3.80
CA ASP A 247 5.02 21.62 -4.45
C ASP A 247 4.91 22.19 -5.85
N SER A 248 5.01 23.52 -5.97
CA SER A 248 5.00 24.21 -7.27
C SER A 248 6.25 23.90 -8.09
N GLY A 249 7.28 23.33 -7.44
CA GLY A 249 8.53 22.96 -8.10
C GLY A 249 8.54 21.55 -8.70
N THR A 250 7.37 20.89 -8.74
CA THR A 250 7.16 19.56 -9.36
C THR A 250 6.03 19.75 -10.38
N THR A 251 6.16 19.12 -11.55
CA THR A 251 5.13 19.21 -12.56
C THR A 251 3.87 18.40 -12.17
N ASN A 252 4.02 17.09 -11.94
CA ASN A 252 2.92 16.17 -11.79
C ASN A 252 2.26 16.11 -10.45
N LEU A 253 1.09 15.43 -10.42
CA LEU A 253 0.53 14.97 -9.18
C LEU A 253 1.33 13.65 -8.98
N ARG A 254 2.13 13.54 -7.92
CA ARG A 254 2.88 12.28 -7.69
C ARG A 254 2.24 11.55 -6.53
N LEU A 255 2.04 10.24 -6.68
CA LEU A 255 1.36 9.44 -5.65
C LEU A 255 2.24 8.29 -5.18
N PRO A 256 2.17 7.91 -3.89
CA PRO A 256 2.93 6.72 -3.41
C PRO A 256 2.58 5.52 -4.27
N LYS A 257 3.57 4.69 -4.55
CA LYS A 257 3.46 3.51 -5.40
C LYS A 257 2.12 2.77 -5.29
N LYS A 258 1.73 2.35 -4.07
CA LYS A 258 0.45 1.61 -3.91
C LYS A 258 -0.78 2.43 -4.30
N VAL A 259 -0.79 3.70 -3.97
CA VAL A 259 -1.90 4.63 -4.28
C VAL A 259 -1.92 4.87 -5.79
N PHE A 260 -0.76 5.07 -6.40
CA PHE A 260 -0.64 5.26 -7.84
C PHE A 260 -1.25 4.06 -8.58
N GLU A 261 -0.85 2.84 -8.18
CA GLU A 261 -1.36 1.61 -8.80
C GLU A 261 -2.89 1.53 -8.68
N ALA A 262 -3.46 1.81 -7.51
CA ALA A 262 -4.92 1.77 -7.29
C ALA A 262 -5.64 2.87 -8.10
N ALA A 263 -5.08 4.11 -8.09
CA ALA A 263 -5.66 5.23 -8.81
C ALA A 263 -5.65 4.97 -10.31
N VAL A 264 -4.51 4.53 -10.88
CA VAL A 264 -4.43 4.25 -12.33
C VAL A 264 -5.42 3.14 -12.74
N LYS A 265 -5.56 2.09 -11.93
CA LYS A 265 -6.55 1.04 -12.20
C LYS A 265 -7.96 1.66 -12.29
N SER A 266 -8.31 2.51 -11.34
CA SER A 266 -9.64 3.14 -11.32
C SER A 266 -9.83 4.16 -12.46
N ILE A 267 -8.78 4.96 -12.78
CA ILE A 267 -8.87 5.92 -13.88
C ILE A 267 -8.99 5.16 -15.24
N LYS A 268 -8.25 4.05 -15.37
CA LYS A 268 -8.35 3.20 -16.57
C LYS A 268 -9.78 2.65 -16.70
N ALA A 269 -10.34 2.13 -15.59
CA ALA A 269 -11.71 1.56 -15.58
C ALA A 269 -12.76 2.61 -15.93
N ALA A 270 -12.62 3.84 -15.39
CA ALA A 270 -13.57 4.93 -15.69
C ALA A 270 -13.49 5.38 -17.16
N SER A 271 -12.29 5.35 -17.75
CA SER A 271 -12.08 5.78 -19.14
C SER A 271 -12.05 4.59 -20.13
N SER A 272 -12.56 3.40 -19.73
CA SER A 272 -12.39 2.15 -20.50
C SER A 272 -13.00 2.13 -21.89
N THR A 273 -13.86 3.13 -22.25
CA THR A 273 -14.40 3.17 -23.64
C THR A 273 -13.29 3.44 -24.66
N GLU A 274 -12.12 3.91 -24.21
CA GLU A 274 -10.95 4.12 -25.06
C GLU A 274 -9.76 3.46 -24.39
N LYS A 275 -9.01 2.69 -25.15
CA LYS A 275 -7.82 2.01 -24.66
C LYS A 275 -6.58 2.85 -25.01
N PHE A 276 -5.69 3.06 -24.02
CA PHE A 276 -4.46 3.83 -24.23
C PHE A 276 -3.27 2.92 -23.97
N PRO A 277 -2.16 3.11 -24.72
CA PRO A 277 -0.99 2.25 -24.51
C PRO A 277 -0.36 2.41 -23.14
N ASP A 278 0.39 1.40 -22.70
CA ASP A 278 1.05 1.40 -21.40
C ASP A 278 1.92 2.64 -21.19
N GLY A 279 2.61 3.07 -22.24
CA GLY A 279 3.50 4.22 -22.22
C GLY A 279 2.78 5.51 -21.86
N PHE A 280 1.48 5.60 -22.19
CA PHE A 280 0.65 6.77 -21.83
C PHE A 280 0.49 6.82 -20.31
N TRP A 281 0.06 5.70 -19.71
CA TRP A 281 -0.15 5.61 -18.25
C TRP A 281 1.14 5.75 -17.46
N LEU A 282 2.29 5.49 -18.11
CA LEU A 282 3.63 5.67 -17.51
C LEU A 282 4.09 7.15 -17.60
N GLY A 283 3.29 8.00 -18.23
CA GLY A 283 3.61 9.41 -18.36
C GLY A 283 4.71 9.69 -19.35
N GLU A 284 5.08 8.67 -20.13
CA GLU A 284 6.15 8.77 -21.12
C GLU A 284 5.66 9.20 -22.48
N GLN A 285 4.53 8.63 -22.98
CA GLN A 285 4.11 8.95 -24.32
C GLN A 285 2.84 9.78 -24.38
N LEU A 286 2.76 10.59 -25.43
CA LEU A 286 1.61 11.46 -25.59
C LEU A 286 0.47 10.71 -26.23
N VAL A 287 -0.75 11.23 -26.04
CA VAL A 287 -1.95 10.78 -26.73
C VAL A 287 -2.49 11.99 -27.44
N CYS A 288 -2.96 11.80 -28.69
CA CYS A 288 -3.47 12.86 -29.53
C CYS A 288 -4.85 12.55 -30.01
N TRP A 289 -5.68 13.59 -30.17
CA TRP A 289 -7.00 13.53 -30.76
C TRP A 289 -7.10 14.59 -31.82
N GLN A 290 -7.97 14.38 -32.80
CA GLN A 290 -8.22 15.39 -33.84
C GLN A 290 -8.59 16.71 -33.12
N ALA A 291 -8.14 17.85 -33.67
CA ALA A 291 -8.38 19.18 -33.10
C ALA A 291 -9.80 19.37 -32.56
N GLY A 292 -9.89 19.76 -31.30
CA GLY A 292 -11.14 20.02 -30.58
C GLY A 292 -11.92 18.80 -30.11
N THR A 293 -11.45 17.56 -30.39
CA THR A 293 -12.21 16.34 -30.06
C THR A 293 -11.73 15.58 -28.81
N THR A 294 -10.84 16.16 -28.01
CA THR A 294 -10.41 15.50 -26.76
C THR A 294 -11.68 15.05 -25.98
N PRO A 295 -11.78 13.74 -25.67
CA PRO A 295 -12.98 13.24 -25.01
C PRO A 295 -12.90 13.42 -23.49
N TRP A 296 -12.82 14.67 -23.03
CA TRP A 296 -12.73 15.00 -21.61
C TRP A 296 -13.71 14.17 -20.75
N ASN A 297 -14.96 14.05 -21.23
CA ASN A 297 -16.05 13.39 -20.51
C ASN A 297 -15.79 11.91 -20.17
N ILE A 298 -14.90 11.21 -20.91
CA ILE A 298 -14.64 9.80 -20.59
C ILE A 298 -13.66 9.66 -19.43
N PHE A 299 -12.89 10.72 -19.13
CA PHE A 299 -11.93 10.71 -18.03
C PHE A 299 -12.63 11.18 -16.76
N PRO A 300 -12.31 10.55 -15.62
CA PRO A 300 -12.97 10.92 -14.37
C PRO A 300 -12.40 12.16 -13.68
N VAL A 301 -13.16 12.70 -12.75
CA VAL A 301 -12.66 13.76 -11.88
C VAL A 301 -11.96 13.04 -10.70
N ILE A 302 -11.03 13.73 -10.04
CA ILE A 302 -10.28 13.14 -8.92
C ILE A 302 -10.50 14.08 -7.77
N SER A 303 -11.00 13.53 -6.63
CA SER A 303 -11.21 14.32 -5.42
C SER A 303 -10.25 13.85 -4.34
N LEU A 304 -9.54 14.82 -3.76
CA LEU A 304 -8.63 14.62 -2.65
C LEU A 304 -9.27 15.34 -1.45
N TYR A 305 -9.60 14.57 -0.40
CA TYR A 305 -10.18 15.15 0.82
C TYR A 305 -9.02 15.48 1.73
N LEU A 306 -9.02 16.69 2.25
CA LEU A 306 -7.96 17.16 3.13
C LEU A 306 -8.50 17.42 4.52
N MET A 307 -7.68 17.18 5.53
CA MET A 307 -8.05 17.44 6.93
C MET A 307 -8.46 18.92 7.09
N GLY A 308 -9.59 19.17 7.75
CA GLY A 308 -10.06 20.53 7.96
C GLY A 308 -9.44 21.15 9.21
N GLU A 309 -9.77 22.42 9.48
CA GLU A 309 -9.24 23.11 10.67
C GLU A 309 -10.09 22.77 11.92
N VAL A 310 -11.34 22.30 11.71
CA VAL A 310 -12.26 21.90 12.78
C VAL A 310 -12.11 20.39 13.01
N THR A 311 -12.16 19.96 14.28
CA THR A 311 -12.10 18.56 14.69
C THR A 311 -13.16 17.75 13.92
N ASN A 312 -12.77 16.57 13.42
CA ASN A 312 -13.61 15.61 12.68
C ASN A 312 -14.25 16.19 11.40
N GLN A 313 -13.64 17.25 10.83
CA GLN A 313 -14.14 17.88 9.64
C GLN A 313 -13.08 17.83 8.52
N SER A 314 -13.52 17.57 7.28
CA SER A 314 -12.62 17.60 6.13
C SER A 314 -13.29 18.39 5.01
N PHE A 315 -12.56 18.67 3.95
CA PHE A 315 -13.11 19.29 2.75
C PHE A 315 -12.46 18.59 1.57
N ARG A 316 -12.97 18.80 0.37
CA ARG A 316 -12.36 18.16 -0.81
C ARG A 316 -12.02 19.16 -1.87
N ILE A 317 -10.99 18.83 -2.64
CA ILE A 317 -10.61 19.59 -3.84
C ILE A 317 -10.80 18.58 -4.99
N THR A 318 -11.46 19.02 -6.05
CA THR A 318 -11.77 18.13 -7.16
C THR A 318 -11.12 18.66 -8.41
N ILE A 319 -10.35 17.81 -9.07
CA ILE A 319 -9.66 18.22 -10.30
C ILE A 319 -10.21 17.46 -11.46
N LEU A 320 -10.06 18.05 -12.62
CA LEU A 320 -10.57 17.52 -13.88
C LEU A 320 -9.44 16.90 -14.69
N PRO A 321 -9.75 16.12 -15.75
CA PRO A 321 -8.69 15.71 -16.67
C PRO A 321 -8.00 16.93 -17.34
N GLN A 322 -8.67 18.12 -17.40
CA GLN A 322 -8.04 19.33 -17.96
C GLN A 322 -6.83 19.75 -17.08
N GLN A 323 -6.77 19.25 -15.84
CA GLN A 323 -5.61 19.48 -14.98
C GLN A 323 -4.63 18.32 -15.08
N TYR A 324 -5.10 17.04 -14.98
CA TYR A 324 -4.12 15.95 -14.93
C TYR A 324 -3.67 15.44 -16.32
N LEU A 325 -4.21 15.98 -17.42
CA LEU A 325 -3.70 15.70 -18.77
C LEU A 325 -2.98 16.99 -19.19
N ARG A 326 -1.65 16.91 -19.30
CA ARG A 326 -0.82 18.09 -19.57
C ARG A 326 -0.68 18.35 -21.07
N PRO A 327 -1.13 19.52 -21.59
CA PRO A 327 -1.05 19.76 -23.05
C PRO A 327 0.39 19.82 -23.54
N VAL A 328 0.65 19.11 -24.65
CA VAL A 328 2.00 19.05 -25.25
C VAL A 328 1.82 19.16 -26.78
N GLU A 329 2.75 19.77 -27.49
CA GLU A 329 2.65 19.88 -28.95
C GLU A 329 3.11 18.55 -29.54
N ASP A 330 2.47 18.13 -30.63
CA ASP A 330 2.79 16.86 -31.28
C ASP A 330 4.17 16.91 -31.94
N VAL A 331 4.81 15.72 -32.07
CA VAL A 331 6.10 15.50 -32.74
C VAL A 331 6.00 16.00 -34.20
N ALA A 332 4.85 15.72 -34.87
CA ALA A 332 4.53 16.12 -36.24
C ALA A 332 4.09 17.60 -36.36
N THR A 333 4.07 18.35 -35.22
CA THR A 333 3.67 19.78 -35.09
C THR A 333 2.22 20.02 -35.67
N SER A 334 1.46 18.90 -35.81
CA SER A 334 0.10 18.75 -36.35
C SER A 334 -0.95 19.69 -35.75
N GLN A 335 -2.21 19.55 -36.24
CA GLN A 335 -3.33 20.29 -35.70
C GLN A 335 -4.05 19.48 -34.64
N ASP A 336 -3.49 18.32 -34.27
CA ASP A 336 -4.07 17.48 -33.22
C ASP A 336 -3.88 18.12 -31.84
N ASP A 337 -4.78 17.80 -30.90
CA ASP A 337 -4.65 18.22 -29.51
C ASP A 337 -4.05 17.03 -28.75
N CYS A 338 -2.83 17.19 -28.24
CA CYS A 338 -2.05 16.14 -27.58
C CYS A 338 -1.77 16.44 -26.12
N TYR A 339 -1.60 15.37 -25.32
CA TYR A 339 -1.36 15.48 -23.88
C TYR A 339 -0.51 14.35 -23.36
N LYS A 340 0.11 14.58 -22.19
CA LYS A 340 0.80 13.56 -21.41
C LYS A 340 0.00 13.37 -20.12
N PHE A 341 -0.05 12.14 -19.60
CA PHE A 341 -0.71 11.83 -18.33
C PHE A 341 0.22 12.37 -17.24
N ALA A 342 -0.26 13.38 -16.48
CA ALA A 342 0.53 14.09 -15.47
C ALA A 342 0.32 13.59 -14.05
N ILE A 343 0.09 12.28 -13.93
CA ILE A 343 0.02 11.62 -12.64
C ILE A 343 1.09 10.55 -12.69
N SER A 344 1.95 10.50 -11.67
CA SER A 344 3.06 9.53 -11.68
C SER A 344 3.39 9.01 -10.31
N GLN A 345 4.12 7.88 -10.26
CA GLN A 345 4.40 7.30 -8.97
C GLN A 345 5.58 7.96 -8.26
N SER A 346 5.56 7.87 -6.96
CA SER A 346 6.56 8.41 -6.06
C SER A 346 6.96 7.35 -5.02
N SER A 347 8.21 7.42 -4.54
CA SER A 347 8.66 6.58 -3.42
C SER A 347 8.91 7.53 -2.22
N THR A 348 8.57 8.83 -2.38
CA THR A 348 8.79 9.83 -1.33
C THR A 348 7.50 10.57 -0.90
N GLY A 349 6.37 9.89 -1.08
CA GLY A 349 5.06 10.41 -0.69
C GLY A 349 4.31 11.14 -1.78
N THR A 350 3.14 11.69 -1.42
CA THR A 350 2.33 12.42 -2.37
C THR A 350 2.94 13.80 -2.64
N VAL A 351 2.92 14.21 -3.90
CA VAL A 351 3.38 15.56 -4.27
C VAL A 351 2.26 16.22 -5.08
N MET A 352 1.65 17.28 -4.54
CA MET A 352 0.62 18.01 -5.29
C MET A 352 1.39 19.06 -6.10
N GLY A 353 1.76 18.69 -7.31
CA GLY A 353 2.56 19.52 -8.21
C GLY A 353 1.79 20.56 -8.96
N ALA A 354 2.47 21.22 -9.89
CA ALA A 354 1.95 22.32 -10.70
C ALA A 354 0.64 21.99 -11.40
N VAL A 355 0.50 20.77 -11.98
CA VAL A 355 -0.77 20.44 -12.66
C VAL A 355 -2.00 20.47 -11.72
N ILE A 356 -1.84 20.11 -10.44
CA ILE A 356 -2.93 20.17 -9.43
C ILE A 356 -3.14 21.63 -9.02
N MET A 357 -2.03 22.33 -8.74
CA MET A 357 -2.09 23.74 -8.35
C MET A 357 -2.76 24.62 -9.41
N GLU A 358 -2.69 24.22 -10.70
CA GLU A 358 -3.34 24.93 -11.80
C GLU A 358 -4.86 25.01 -11.67
N GLY A 359 -5.45 24.08 -10.91
CA GLY A 359 -6.90 24.10 -10.74
C GLY A 359 -7.34 25.05 -9.65
N PHE A 360 -6.38 25.50 -8.80
CA PHE A 360 -6.72 26.23 -7.56
C PHE A 360 -5.89 27.43 -7.25
N TYR A 361 -6.47 28.33 -6.45
CA TYR A 361 -5.76 29.46 -5.86
C TYR A 361 -5.31 28.90 -4.51
N VAL A 362 -3.99 28.86 -4.27
CA VAL A 362 -3.44 28.22 -3.08
C VAL A 362 -2.78 29.27 -2.17
N VAL A 363 -3.25 29.33 -0.93
CA VAL A 363 -2.83 30.29 0.08
C VAL A 363 -1.90 29.63 1.07
N PHE A 364 -0.62 30.03 1.07
CA PHE A 364 0.36 29.49 2.01
C PHE A 364 0.37 30.43 3.23
N ASP A 365 -0.54 30.15 4.16
CA ASP A 365 -0.73 30.97 5.35
C ASP A 365 0.21 30.50 6.47
N ARG A 366 1.46 30.94 6.36
CA ARG A 366 2.51 30.56 7.30
C ARG A 366 2.19 31.08 8.71
N ALA A 367 1.64 32.30 8.82
CA ALA A 367 1.28 32.91 10.10
C ALA A 367 0.26 32.05 10.89
N ARG A 368 -0.68 31.37 10.20
CA ARG A 368 -1.69 30.55 10.85
C ARG A 368 -1.48 29.07 10.61
N LYS A 369 -0.26 28.68 10.13
CA LYS A 369 0.17 27.30 9.90
C LYS A 369 -0.95 26.49 9.16
N ARG A 370 -1.38 27.03 8.02
CA ARG A 370 -2.46 26.41 7.22
C ARG A 370 -2.33 26.71 5.75
N ILE A 371 -2.86 25.82 4.91
CA ILE A 371 -2.88 26.01 3.44
C ILE A 371 -4.33 26.13 3.00
N GLY A 372 -4.63 27.19 2.28
CA GLY A 372 -5.97 27.44 1.76
C GLY A 372 -6.11 27.08 0.30
N PHE A 373 -7.28 26.58 -0.08
CA PHE A 373 -7.62 26.19 -1.46
C PHE A 373 -8.96 26.78 -1.83
N ALA A 374 -9.01 27.34 -3.04
CA ALA A 374 -10.21 27.86 -3.66
C ALA A 374 -10.14 27.57 -5.15
N VAL A 375 -11.30 27.45 -5.81
CA VAL A 375 -11.34 27.23 -7.26
C VAL A 375 -10.62 28.42 -7.92
N SER A 376 -9.68 28.14 -8.83
CA SER A 376 -8.93 29.20 -9.48
C SER A 376 -9.76 29.88 -10.53
N ALA A 377 -9.69 31.21 -10.58
CA ALA A 377 -10.33 32.00 -11.64
C ALA A 377 -9.73 31.67 -13.04
N CYS A 378 -8.53 31.00 -13.10
CA CYS A 378 -7.95 30.69 -14.39
C CYS A 378 -7.85 29.16 -14.64
N HIS A 379 -8.61 28.33 -13.89
CA HIS A 379 -8.55 26.88 -14.15
C HIS A 379 -9.21 26.53 -15.50
N VAL A 380 -8.67 25.52 -16.17
CA VAL A 380 -9.19 25.10 -17.47
C VAL A 380 -10.33 24.10 -17.17
N HIS A 381 -11.45 24.28 -17.88
CA HIS A 381 -12.58 23.36 -17.68
C HIS A 381 -13.38 23.26 -18.99
N ASP A 382 -14.56 22.64 -18.95
CA ASP A 382 -15.43 22.55 -20.14
C ASP A 382 -16.82 23.08 -19.77
N GLU A 383 -17.83 22.95 -20.65
CA GLU A 383 -19.14 23.49 -20.26
C GLU A 383 -19.88 22.60 -19.26
N PHE A 384 -19.42 21.34 -19.08
CA PHE A 384 -20.15 20.41 -18.22
C PHE A 384 -19.60 20.23 -16.83
N ARG A 385 -18.28 20.42 -16.62
CA ARG A 385 -17.65 20.21 -15.32
C ARG A 385 -16.70 21.33 -14.97
N THR A 386 -16.51 21.55 -13.69
CA THR A 386 -15.57 22.54 -13.23
C THR A 386 -14.75 21.94 -12.09
N ALA A 387 -13.58 22.51 -11.79
CA ALA A 387 -12.88 22.05 -10.59
C ALA A 387 -13.74 22.56 -9.39
N ALA A 388 -13.55 21.98 -8.19
CA ALA A 388 -14.36 22.38 -7.04
C ALA A 388 -13.56 22.33 -5.75
N VAL A 389 -13.97 23.12 -4.77
CA VAL A 389 -13.42 23.09 -3.40
C VAL A 389 -14.69 23.12 -2.54
N GLU A 390 -14.99 22.01 -1.85
CA GLU A 390 -16.27 21.85 -1.17
C GLU A 390 -16.14 21.26 0.20
N GLY A 391 -17.08 21.61 1.06
CA GLY A 391 -17.12 21.04 2.40
C GLY A 391 -18.27 21.60 3.22
N PRO A 392 -18.38 21.23 4.50
CA PRO A 392 -17.53 20.26 5.21
C PRO A 392 -18.07 18.84 5.10
N PHE A 393 -17.23 17.85 5.45
CA PHE A 393 -17.60 16.44 5.51
C PHE A 393 -17.19 15.92 6.85
N VAL A 394 -18.01 15.06 7.44
CA VAL A 394 -17.67 14.45 8.72
C VAL A 394 -16.64 13.36 8.43
N THR A 395 -15.45 13.50 9.02
CA THR A 395 -14.37 12.53 8.84
C THR A 395 -13.73 12.23 10.20
N LEU A 396 -13.67 10.94 10.59
CA LEU A 396 -13.11 10.55 11.89
C LEU A 396 -11.68 10.02 11.81
N ASP A 397 -10.94 10.05 12.95
CA ASP A 397 -9.57 9.53 13.12
C ASP A 397 -8.57 10.02 12.05
N MET A 398 -8.68 11.30 11.68
CA MET A 398 -7.86 11.92 10.64
C MET A 398 -6.37 12.03 11.01
N GLU A 399 -6.04 12.13 12.31
CA GLU A 399 -4.62 12.22 12.74
C GLU A 399 -3.92 10.88 12.48
N ASP A 400 -4.73 9.79 12.41
CA ASP A 400 -4.26 8.46 12.06
C ASP A 400 -3.85 8.40 10.59
N CYS A 401 -4.31 9.37 9.75
CA CYS A 401 -3.93 9.38 8.33
C CYS A 401 -2.47 9.82 8.14
N GLY A 402 -1.93 10.57 9.10
CA GLY A 402 -0.55 11.03 9.07
C GLY A 402 0.40 9.89 9.34
N TYR A 403 1.51 9.85 8.58
CA TYR A 403 2.52 8.82 8.74
C TYR A 403 3.62 9.24 9.71
N ASN A 404 4.12 8.28 10.52
CA ASN A 404 5.22 8.48 11.48
C ASN A 404 6.31 7.45 11.23
N ILE A 405 7.57 7.91 11.09
CA ILE A 405 8.72 7.01 10.84
C ILE A 405 9.12 6.28 12.14
N GLY B 16 1.78 -46.28 3.72
CA GLY B 16 1.80 -45.88 5.13
C GLY B 16 3.05 -45.14 5.59
N SER B 17 4.10 -45.09 4.74
CA SER B 17 5.38 -44.41 4.98
C SER B 17 5.88 -43.74 3.69
N PHE B 18 6.11 -42.41 3.74
CA PHE B 18 6.56 -41.58 2.61
C PHE B 18 7.72 -40.73 3.09
N VAL B 19 8.85 -41.41 3.38
CA VAL B 19 10.07 -40.85 3.96
C VAL B 19 10.61 -39.63 3.21
N GLU B 20 10.51 -39.61 1.87
CA GLU B 20 10.98 -38.49 1.04
C GLU B 20 10.22 -37.16 1.31
N MET B 21 8.99 -37.27 1.78
CA MET B 21 8.11 -36.13 2.02
C MET B 21 8.04 -35.68 3.49
N VAL B 22 8.39 -36.57 4.42
CA VAL B 22 8.37 -36.25 5.84
C VAL B 22 9.35 -35.11 6.10
N ASP B 23 8.95 -34.11 6.92
CA ASP B 23 9.76 -32.96 7.28
C ASP B 23 10.07 -32.02 6.10
N ASN B 24 9.16 -31.94 5.12
CA ASN B 24 9.38 -31.08 3.95
C ASN B 24 8.81 -29.67 4.13
N LEU B 25 8.23 -29.35 5.31
CA LEU B 25 7.69 -28.02 5.56
C LEU B 25 8.56 -27.23 6.52
N ARG B 26 8.48 -25.90 6.40
CA ARG B 26 9.11 -24.96 7.33
C ARG B 26 8.12 -23.83 7.56
N GLY B 27 8.36 -23.05 8.60
CA GLY B 27 7.53 -21.90 8.91
C GLY B 27 6.87 -22.01 10.27
N LYS B 28 5.86 -21.17 10.49
CA LYS B 28 5.14 -21.11 11.76
C LYS B 28 3.75 -20.57 11.55
N SER B 29 2.89 -20.63 12.58
CA SER B 29 1.48 -20.21 12.42
C SER B 29 1.28 -18.76 12.04
N GLY B 30 2.09 -17.85 12.57
CA GLY B 30 1.93 -16.43 12.28
C GLY B 30 2.33 -16.02 10.88
N GLN B 31 3.32 -16.69 10.28
CA GLN B 31 3.86 -16.32 8.98
C GLN B 31 3.58 -17.28 7.84
N GLY B 32 3.10 -18.48 8.18
CA GLY B 32 2.73 -19.50 7.21
C GLY B 32 3.69 -20.64 7.12
N TYR B 33 3.18 -21.81 6.72
CA TYR B 33 3.99 -23.00 6.48
C TYR B 33 4.20 -23.14 4.98
N TYR B 34 5.44 -23.40 4.57
CA TYR B 34 5.75 -23.47 3.15
C TYR B 34 6.55 -24.69 2.77
N VAL B 35 6.45 -25.04 1.50
CA VAL B 35 7.15 -26.17 0.88
C VAL B 35 8.00 -25.64 -0.30
N GLU B 36 9.14 -26.28 -0.56
CA GLU B 36 9.98 -25.88 -1.68
C GLU B 36 9.36 -26.42 -2.96
N MET B 37 9.39 -25.59 -4.01
CA MET B 37 8.94 -25.98 -5.33
C MET B 37 9.93 -25.42 -6.37
N THR B 38 9.89 -25.96 -7.58
CA THR B 38 10.68 -25.40 -8.66
C THR B 38 9.72 -25.09 -9.80
N VAL B 39 9.94 -23.97 -10.48
CA VAL B 39 9.15 -23.55 -11.64
C VAL B 39 10.11 -23.29 -12.81
N GLY B 40 9.70 -23.67 -14.02
CA GLY B 40 10.46 -23.37 -15.23
C GLY B 40 11.60 -24.29 -15.59
N SER B 41 12.22 -23.98 -16.76
CA SER B 41 13.36 -24.72 -17.32
C SER B 41 14.45 -23.72 -17.73
N PRO B 42 15.65 -23.72 -17.09
CA PRO B 42 16.07 -24.58 -15.97
C PRO B 42 15.24 -24.28 -14.71
N PRO B 43 15.12 -25.23 -13.76
CA PRO B 43 14.28 -24.99 -12.58
C PRO B 43 14.67 -23.79 -11.72
N GLN B 44 13.67 -22.98 -11.34
CA GLN B 44 13.86 -21.84 -10.45
C GLN B 44 13.22 -22.27 -9.12
N THR B 45 14.05 -22.34 -8.08
CA THR B 45 13.59 -22.76 -6.76
C THR B 45 12.87 -21.61 -6.06
N LEU B 46 11.70 -21.92 -5.49
CA LEU B 46 10.94 -20.94 -4.71
C LEU B 46 10.32 -21.65 -3.49
N ASN B 47 10.11 -20.90 -2.41
CA ASN B 47 9.41 -21.39 -1.23
C ASN B 47 7.97 -20.96 -1.35
N ILE B 48 7.06 -21.91 -1.19
CA ILE B 48 5.64 -21.69 -1.47
C ILE B 48 4.72 -22.01 -0.32
N LEU B 49 3.92 -21.03 0.10
CA LEU B 49 2.95 -21.20 1.17
C LEU B 49 1.93 -22.29 0.86
N VAL B 50 1.73 -23.23 1.82
CA VAL B 50 0.73 -24.28 1.67
C VAL B 50 -0.61 -23.66 2.11
N ASP B 51 -1.53 -23.46 1.15
CA ASP B 51 -2.77 -22.78 1.42
C ASP B 51 -4.02 -23.59 1.02
N THR B 52 -4.68 -24.25 1.98
CA THR B 52 -5.87 -25.04 1.67
C THR B 52 -7.13 -24.16 1.57
N GLY B 53 -6.98 -22.83 1.74
CA GLY B 53 -8.10 -21.90 1.66
C GLY B 53 -8.23 -21.11 0.37
N SER B 54 -7.45 -21.47 -0.66
CA SER B 54 -7.52 -20.81 -1.98
C SER B 54 -7.13 -21.82 -3.05
N SER B 55 -7.26 -21.46 -4.35
CA SER B 55 -7.08 -22.44 -5.42
C SER B 55 -6.18 -22.03 -6.57
N ASN B 56 -5.41 -20.95 -6.42
CA ASN B 56 -4.44 -20.52 -7.43
C ASN B 56 -3.01 -20.81 -6.99
N PHE B 57 -2.16 -21.21 -7.95
CA PHE B 57 -0.71 -21.30 -7.73
C PHE B 57 -0.21 -19.92 -8.20
N ALA B 58 0.10 -19.04 -7.24
CA ALA B 58 0.44 -17.64 -7.50
C ALA B 58 1.77 -17.32 -6.90
N VAL B 59 2.72 -16.86 -7.75
CA VAL B 59 4.10 -16.61 -7.32
C VAL B 59 4.57 -15.20 -7.65
N GLY B 60 5.41 -14.65 -6.79
CA GLY B 60 6.06 -13.36 -7.05
C GLY B 60 6.86 -13.48 -8.33
N ALA B 61 6.63 -12.56 -9.26
CA ALA B 61 7.31 -12.57 -10.56
C ALA B 61 7.89 -11.22 -10.92
N ALA B 62 8.05 -10.34 -9.94
CA ALA B 62 8.61 -9.00 -10.12
C ALA B 62 9.22 -8.59 -8.78
N PRO B 63 10.23 -7.68 -8.76
CA PRO B 63 10.83 -7.29 -7.47
C PRO B 63 9.81 -6.73 -6.48
N HIS B 64 10.02 -7.07 -5.22
CA HIS B 64 9.18 -6.61 -4.12
C HIS B 64 10.11 -6.43 -2.93
N PRO B 65 9.92 -5.39 -2.07
CA PRO B 65 10.87 -5.22 -0.93
C PRO B 65 11.02 -6.43 -0.01
N PHE B 66 9.98 -7.29 0.10
CA PHE B 66 10.05 -8.47 0.98
C PHE B 66 10.42 -9.76 0.25
N LEU B 67 10.80 -9.67 -1.04
CA LEU B 67 11.23 -10.85 -1.81
C LEU B 67 12.72 -10.78 -2.11
N HIS B 68 13.48 -11.87 -1.87
CA HIS B 68 14.89 -11.90 -2.26
C HIS B 68 15.07 -12.73 -3.54
N ARG B 69 13.96 -13.32 -4.04
CA ARG B 69 13.90 -14.07 -5.30
C ARG B 69 12.48 -14.10 -5.82
N TYR B 70 12.34 -14.27 -7.14
CA TYR B 70 11.04 -14.31 -7.78
C TYR B 70 11.14 -15.08 -9.09
N TYR B 71 9.99 -15.50 -9.62
CA TYR B 71 9.91 -16.22 -10.88
C TYR B 71 10.24 -15.27 -12.03
N GLN B 72 11.24 -15.66 -12.83
CA GLN B 72 11.70 -14.88 -13.99
C GLN B 72 11.29 -15.63 -15.25
N ARG B 73 10.10 -15.28 -15.79
CA ARG B 73 9.51 -15.98 -16.94
C ARG B 73 10.40 -15.98 -18.17
N GLN B 74 11.13 -14.86 -18.38
CA GLN B 74 12.02 -14.69 -19.55
C GLN B 74 13.22 -15.64 -19.50
N LEU B 75 13.51 -16.25 -18.33
CA LEU B 75 14.59 -17.22 -18.16
C LEU B 75 14.13 -18.68 -18.28
N SER B 76 12.81 -18.89 -18.47
CA SER B 76 12.25 -20.22 -18.59
C SER B 76 11.89 -20.54 -20.02
N SER B 77 12.52 -21.58 -20.59
CA SER B 77 12.26 -21.99 -21.98
C SER B 77 10.89 -22.67 -22.14
N THR B 78 10.30 -23.16 -21.02
CA THR B 78 9.00 -23.86 -21.02
C THR B 78 7.86 -22.93 -20.57
N TYR B 79 8.17 -21.66 -20.34
CA TYR B 79 7.15 -20.68 -20.00
C TYR B 79 6.18 -20.50 -21.19
N ARG B 80 4.85 -20.51 -20.91
CA ARG B 80 3.82 -20.26 -21.92
C ARG B 80 2.93 -19.16 -21.39
N ASP B 81 2.80 -18.07 -22.15
CA ASP B 81 2.00 -16.90 -21.77
C ASP B 81 0.54 -17.09 -22.17
N LEU B 82 -0.39 -17.07 -21.21
CA LEU B 82 -1.82 -17.25 -21.48
C LEU B 82 -2.49 -15.96 -21.96
N ARG B 83 -1.74 -14.85 -21.97
CA ARG B 83 -2.16 -13.51 -22.43
C ARG B 83 -3.45 -13.09 -21.72
N LYS B 84 -3.49 -13.24 -20.39
CA LYS B 84 -4.68 -12.93 -19.58
C LYS B 84 -4.18 -12.48 -18.22
N GLY B 85 -4.77 -11.40 -17.71
CA GLY B 85 -4.45 -10.88 -16.40
C GLY B 85 -5.37 -11.46 -15.35
N VAL B 86 -5.01 -11.27 -14.09
CA VAL B 86 -5.82 -11.72 -12.95
C VAL B 86 -5.66 -10.68 -11.89
N TYR B 87 -6.78 -10.15 -11.37
CA TYR B 87 -6.72 -9.12 -10.32
C TYR B 87 -7.48 -9.63 -9.11
N VAL B 88 -6.79 -9.77 -7.96
CA VAL B 88 -7.42 -10.37 -6.79
C VAL B 88 -7.37 -9.45 -5.57
N PRO B 89 -8.34 -8.50 -5.42
CA PRO B 89 -8.39 -7.71 -4.18
C PRO B 89 -9.11 -8.57 -3.13
N TYR B 90 -8.63 -8.56 -1.91
CA TYR B 90 -9.30 -9.32 -0.87
C TYR B 90 -9.32 -8.49 0.41
N THR B 91 -9.90 -9.02 1.49
CA THR B 91 -10.09 -8.25 2.73
C THR B 91 -8.77 -7.65 3.27
N GLN B 92 -7.76 -8.48 3.48
CA GLN B 92 -6.51 -8.04 4.09
C GLN B 92 -5.40 -7.57 3.10
N GLY B 93 -5.69 -7.54 1.81
CA GLY B 93 -4.69 -7.12 0.81
C GLY B 93 -5.12 -7.28 -0.63
N LYS B 94 -4.13 -7.27 -1.56
CA LYS B 94 -4.39 -7.44 -3.00
C LYS B 94 -3.21 -8.12 -3.68
N TRP B 95 -3.48 -8.84 -4.75
CA TRP B 95 -2.43 -9.32 -5.64
C TRP B 95 -2.94 -9.28 -7.06
N GLU B 96 -2.04 -9.02 -7.99
CA GLU B 96 -2.41 -8.92 -9.38
C GLU B 96 -1.29 -9.50 -10.19
N GLY B 97 -1.64 -10.12 -11.29
CA GLY B 97 -0.62 -10.71 -12.14
C GLY B 97 -1.08 -11.19 -13.49
N GLU B 98 -0.21 -11.98 -14.11
CA GLU B 98 -0.38 -12.47 -15.47
C GLU B 98 -0.37 -13.97 -15.47
N LEU B 99 -1.36 -14.55 -16.12
CA LEU B 99 -1.52 -16.01 -16.19
C LEU B 99 -0.65 -16.60 -17.27
N GLY B 100 -0.16 -17.77 -16.98
CA GLY B 100 0.69 -18.55 -17.86
C GLY B 100 0.80 -19.96 -17.36
N THR B 101 1.58 -20.78 -18.05
CA THR B 101 1.83 -22.16 -17.62
C THR B 101 3.34 -22.41 -17.67
N ASP B 102 3.78 -23.44 -16.94
CA ASP B 102 5.19 -23.85 -16.92
C ASP B 102 5.32 -25.20 -16.29
N LEU B 103 6.53 -25.76 -16.33
CA LEU B 103 6.77 -27.05 -15.70
C LEU B 103 7.10 -26.81 -14.22
N VAL B 104 6.43 -27.57 -13.36
CA VAL B 104 6.52 -27.41 -11.91
C VAL B 104 6.86 -28.76 -11.26
N SER B 105 7.73 -28.74 -10.23
CA SER B 105 8.15 -29.92 -9.46
C SER B 105 8.15 -29.55 -7.99
N ILE B 106 8.11 -30.57 -7.13
CA ILE B 106 8.17 -30.46 -5.67
C ILE B 106 9.38 -31.32 -5.28
N PRO B 107 10.56 -30.70 -5.09
CA PRO B 107 11.79 -31.49 -4.80
C PRO B 107 11.64 -32.53 -3.69
N HIS B 108 10.94 -32.18 -2.59
CA HIS B 108 10.70 -33.13 -1.49
C HIS B 108 9.23 -33.55 -1.56
N GLY B 109 8.83 -34.02 -2.74
CA GLY B 109 7.48 -34.45 -3.03
C GLY B 109 7.50 -35.66 -3.93
N PRO B 110 6.43 -35.91 -4.70
CA PRO B 110 6.44 -37.06 -5.61
C PRO B 110 7.44 -36.80 -6.73
N ASN B 111 8.03 -37.87 -7.26
CA ASN B 111 9.05 -37.72 -8.28
C ASN B 111 8.38 -37.50 -9.66
N VAL B 112 7.75 -36.35 -9.82
CA VAL B 112 7.00 -36.01 -11.04
C VAL B 112 7.19 -34.54 -11.39
N THR B 113 6.95 -34.19 -12.67
CA THR B 113 7.00 -32.81 -13.17
C THR B 113 5.67 -32.61 -13.82
N VAL B 114 4.99 -31.49 -13.51
CA VAL B 114 3.62 -31.24 -14.01
C VAL B 114 3.63 -29.98 -14.87
N ARG B 115 2.75 -29.91 -15.90
CA ARG B 115 2.56 -28.61 -16.53
C ARG B 115 1.37 -27.99 -15.78
N ALA B 116 1.59 -26.85 -15.14
CA ALA B 116 0.59 -26.23 -14.30
C ALA B 116 0.40 -24.78 -14.62
N ASN B 117 -0.78 -24.25 -14.24
CA ASN B 117 -1.04 -22.82 -14.36
C ASN B 117 -0.25 -22.09 -13.27
N ILE B 118 0.23 -20.91 -13.63
CA ILE B 118 0.96 -20.05 -12.71
C ILE B 118 0.47 -18.63 -12.88
N ALA B 119 0.10 -17.98 -11.76
CA ALA B 119 -0.23 -16.57 -11.79
C ALA B 119 1.06 -15.86 -11.38
N ALA B 120 1.67 -15.13 -12.32
CA ALA B 120 2.92 -14.41 -12.10
C ALA B 120 2.57 -13.06 -11.50
N ILE B 121 2.80 -12.89 -10.19
CA ILE B 121 2.39 -11.68 -9.46
C ILE B 121 3.32 -10.53 -9.82
N THR B 122 2.72 -9.47 -10.40
CA THR B 122 3.46 -8.28 -10.82
C THR B 122 3.26 -7.11 -9.87
N GLU B 123 2.14 -7.11 -9.14
CA GLU B 123 1.83 -6.06 -8.17
C GLU B 123 1.10 -6.70 -7.00
N SER B 124 1.40 -6.25 -5.79
CA SER B 124 0.71 -6.78 -4.60
C SER B 124 0.74 -5.78 -3.47
N ASP B 125 -0.29 -5.85 -2.63
CA ASP B 125 -0.51 -4.97 -1.46
C ASP B 125 -0.71 -5.86 -0.23
N LYS B 126 0.24 -5.81 0.72
CA LYS B 126 0.22 -6.56 1.99
C LYS B 126 0.03 -8.07 1.78
N PHE B 127 0.64 -8.61 0.70
CA PHE B 127 0.54 -10.03 0.34
C PHE B 127 1.76 -10.77 0.87
N PHE B 128 2.95 -10.30 0.48
CA PHE B 128 4.19 -10.88 0.96
C PHE B 128 4.46 -10.41 2.39
N ILE B 129 4.91 -11.33 3.26
CA ILE B 129 5.21 -11.01 4.66
C ILE B 129 6.72 -10.87 4.82
N ASN B 130 7.16 -9.75 5.38
CA ASN B 130 8.58 -9.54 5.66
C ASN B 130 9.13 -10.64 6.61
N GLY B 131 10.09 -11.42 6.12
CA GLY B 131 10.75 -12.48 6.88
C GLY B 131 10.11 -13.85 6.87
N SER B 132 8.93 -14.00 6.16
CA SER B 132 8.21 -15.28 6.05
C SER B 132 9.00 -16.37 5.33
N ASN B 133 9.89 -15.96 4.41
CA ASN B 133 10.72 -16.85 3.59
C ASN B 133 9.95 -17.53 2.45
N TRP B 134 8.70 -17.09 2.13
CA TRP B 134 8.00 -17.66 0.98
C TRP B 134 7.78 -16.60 -0.10
N GLU B 135 7.75 -17.06 -1.35
CA GLU B 135 7.70 -16.21 -2.52
C GLU B 135 6.45 -16.43 -3.36
N GLY B 136 5.53 -17.25 -2.86
CA GLY B 136 4.31 -17.55 -3.59
C GLY B 136 3.43 -18.43 -2.74
N ILE B 137 2.22 -18.71 -3.24
CA ILE B 137 1.24 -19.52 -2.54
C ILE B 137 0.75 -20.64 -3.43
N LEU B 138 0.48 -21.78 -2.80
CA LEU B 138 -0.03 -22.96 -3.48
C LEU B 138 -1.45 -23.17 -2.99
N GLY B 139 -2.42 -22.71 -3.78
CA GLY B 139 -3.83 -22.88 -3.48
C GLY B 139 -4.26 -24.30 -3.73
N LEU B 140 -4.56 -25.02 -2.64
CA LEU B 140 -4.87 -26.43 -2.71
C LEU B 140 -6.36 -26.75 -2.74
N ALA B 141 -7.22 -25.73 -2.68
CA ALA B 141 -8.68 -25.97 -2.68
C ALA B 141 -9.18 -26.17 -4.15
N TYR B 142 -10.50 -26.25 -4.36
CA TYR B 142 -11.06 -26.63 -5.65
C TYR B 142 -11.25 -25.50 -6.68
N ALA B 143 -11.44 -25.88 -7.96
CA ALA B 143 -11.56 -24.96 -9.11
C ALA B 143 -12.66 -23.91 -8.95
N GLU B 144 -13.74 -24.24 -8.24
CA GLU B 144 -14.86 -23.29 -8.04
C GLU B 144 -14.42 -21.92 -7.53
N ILE B 145 -13.40 -21.88 -6.66
CA ILE B 145 -12.94 -20.61 -6.10
C ILE B 145 -11.59 -20.14 -6.73
N ALA B 146 -11.20 -20.73 -7.88
CA ALA B 146 -9.99 -20.27 -8.57
C ALA B 146 -10.25 -18.92 -9.21
N ARG B 147 -9.23 -18.07 -9.29
CA ARG B 147 -9.37 -16.75 -9.91
C ARG B 147 -8.66 -16.79 -11.25
N PRO B 148 -9.22 -16.16 -12.31
CA PRO B 148 -10.45 -15.33 -12.35
C PRO B 148 -11.76 -16.08 -12.30
N ASP B 149 -11.73 -17.38 -12.63
CA ASP B 149 -12.91 -18.22 -12.68
C ASP B 149 -12.50 -19.69 -12.62
N ASP B 150 -13.48 -20.61 -12.61
CA ASP B 150 -13.22 -22.03 -12.44
C ASP B 150 -12.60 -22.73 -13.66
N SER B 151 -12.36 -22.01 -14.76
CA SER B 151 -11.70 -22.65 -15.91
C SER B 151 -10.18 -22.77 -15.69
N LEU B 152 -9.63 -22.08 -14.66
CA LEU B 152 -8.20 -22.13 -14.40
C LEU B 152 -7.89 -23.32 -13.50
N GLU B 153 -7.50 -24.44 -14.10
CA GLU B 153 -7.23 -25.66 -13.35
C GLU B 153 -6.24 -25.46 -12.19
N PRO B 154 -6.65 -25.79 -10.93
CA PRO B 154 -5.72 -25.66 -9.79
C PRO B 154 -4.55 -26.65 -9.91
N PHE B 155 -3.45 -26.38 -9.24
CA PHE B 155 -2.26 -27.23 -9.29
C PHE B 155 -2.53 -28.71 -8.98
N PHE B 156 -3.21 -29.00 -7.84
CA PHE B 156 -3.39 -30.40 -7.42
C PHE B 156 -4.22 -31.18 -8.45
N ASP B 157 -5.19 -30.50 -9.11
CA ASP B 157 -6.02 -31.13 -10.16
C ASP B 157 -5.11 -31.52 -11.35
N SER B 158 -4.18 -30.63 -11.75
CA SER B 158 -3.20 -30.90 -12.83
C SER B 158 -2.28 -32.05 -12.44
N LEU B 159 -1.80 -32.03 -11.20
CA LEU B 159 -0.93 -33.07 -10.66
C LEU B 159 -1.62 -34.46 -10.75
N VAL B 160 -2.88 -34.54 -10.33
CA VAL B 160 -3.64 -35.80 -10.36
C VAL B 160 -3.93 -36.24 -11.80
N LYS B 161 -4.32 -35.31 -12.67
CA LYS B 161 -4.67 -35.63 -14.07
C LYS B 161 -3.45 -36.11 -14.86
N GLN B 162 -2.30 -35.48 -14.64
CA GLN B 162 -1.08 -35.81 -15.39
C GLN B 162 -0.23 -36.94 -14.85
N THR B 163 -0.46 -37.37 -13.60
CA THR B 163 0.39 -38.41 -12.98
C THR B 163 -0.46 -39.53 -12.37
N HIS B 164 0.21 -40.50 -11.72
CA HIS B 164 -0.52 -41.55 -11.01
C HIS B 164 -0.64 -41.24 -9.51
N VAL B 165 -0.32 -39.99 -9.11
CA VAL B 165 -0.39 -39.58 -7.71
C VAL B 165 -1.85 -39.67 -7.21
N PRO B 166 -2.13 -40.47 -6.16
CA PRO B 166 -3.53 -40.56 -5.64
C PRO B 166 -4.09 -39.18 -5.24
N ASN B 167 -5.41 -39.02 -5.41
CA ASN B 167 -6.11 -37.77 -5.17
C ASN B 167 -6.31 -37.49 -3.66
N LEU B 168 -5.19 -37.27 -2.97
CA LEU B 168 -5.21 -37.06 -1.53
C LEU B 168 -3.93 -36.41 -1.12
N PHE B 169 -3.97 -35.56 -0.11
CA PHE B 169 -2.75 -35.05 0.51
C PHE B 169 -3.03 -34.91 2.00
N SER B 170 -1.98 -34.88 2.81
CA SER B 170 -2.17 -34.75 4.26
C SER B 170 -1.16 -33.78 4.81
N LEU B 171 -1.56 -33.04 5.85
CA LEU B 171 -0.69 -32.03 6.44
C LEU B 171 -0.49 -32.19 7.93
N GLN B 172 0.79 -32.15 8.34
CA GLN B 172 1.17 -32.17 9.73
C GLN B 172 1.89 -30.82 9.93
N LEU B 173 1.20 -29.82 10.49
CA LEU B 173 1.82 -28.51 10.77
C LEU B 173 2.31 -28.54 12.20
N CYS B 174 3.59 -28.25 12.42
CA CYS B 174 4.21 -28.35 13.75
C CYS B 174 4.56 -27.03 14.37
N GLY B 175 3.75 -26.58 15.33
CA GLY B 175 4.04 -25.37 16.09
C GLY B 175 5.14 -25.71 17.10
N ALA B 176 6.16 -24.84 17.27
CA ALA B 176 7.25 -25.15 18.19
C ALA B 176 6.80 -25.10 19.67
N GLY B 177 5.83 -24.25 19.96
CA GLY B 177 5.35 -24.06 21.33
C GLY B 177 6.08 -22.93 22.03
N PHE B 178 6.98 -22.28 21.31
CA PHE B 178 7.78 -21.19 21.82
C PHE B 178 8.22 -20.37 20.59
N PRO B 179 8.70 -19.13 20.78
CA PRO B 179 9.10 -18.34 19.59
C PRO B 179 10.35 -18.91 18.95
N LEU B 180 10.40 -18.80 17.64
CA LEU B 180 11.58 -19.19 16.84
C LEU B 180 12.08 -17.89 16.23
N ASN B 181 13.35 -17.54 16.46
CA ASN B 181 13.87 -16.31 15.86
C ASN B 181 14.12 -16.53 14.35
N GLN B 182 14.60 -15.48 13.68
CA GLN B 182 14.93 -15.46 12.25
C GLN B 182 15.75 -16.68 11.82
N SER B 183 16.87 -16.97 12.51
CA SER B 183 17.74 -18.12 12.20
C SER B 183 17.09 -19.47 12.47
N GLU B 184 16.45 -19.60 13.64
CA GLU B 184 15.81 -20.86 14.04
C GLU B 184 14.69 -21.28 13.11
N VAL B 185 13.82 -20.34 12.72
CA VAL B 185 12.69 -20.67 11.85
C VAL B 185 13.20 -21.16 10.46
N LEU B 186 14.38 -20.68 10.02
CA LEU B 186 14.96 -21.14 8.75
C LEU B 186 15.58 -22.51 8.91
N ALA B 187 16.12 -22.81 10.11
CA ALA B 187 16.77 -24.09 10.37
C ALA B 187 15.86 -25.20 10.90
N SER B 188 14.66 -24.87 11.37
CA SER B 188 13.74 -25.82 11.98
C SER B 188 12.83 -26.54 10.99
N VAL B 189 12.47 -27.76 11.31
CA VAL B 189 11.50 -28.53 10.53
C VAL B 189 10.12 -28.06 11.05
N GLY B 190 9.31 -27.54 10.14
CA GLY B 190 7.97 -27.06 10.46
C GLY B 190 6.85 -28.05 10.27
N GLY B 191 7.16 -29.23 9.75
CA GLY B 191 6.14 -30.26 9.56
C GLY B 191 6.23 -30.99 8.25
N SER B 192 5.12 -31.63 7.83
CA SER B 192 5.11 -32.44 6.61
C SER B 192 3.87 -32.24 5.79
N MET B 193 4.04 -32.29 4.47
CA MET B 193 2.95 -32.36 3.49
C MET B 193 3.21 -33.64 2.71
N ILE B 194 2.37 -34.65 2.93
CA ILE B 194 2.47 -35.93 2.25
C ILE B 194 1.52 -35.88 1.06
N ILE B 195 2.10 -35.83 -0.15
CA ILE B 195 1.34 -35.74 -1.41
C ILE B 195 1.07 -37.15 -1.90
N GLY B 196 -0.22 -37.51 -1.95
CA GLY B 196 -0.71 -38.80 -2.42
C GLY B 196 -0.88 -39.87 -1.38
N GLY B 197 -0.84 -39.51 -0.10
CA GLY B 197 -0.99 -40.53 0.93
C GLY B 197 -0.98 -40.04 2.35
N ILE B 198 -0.93 -41.02 3.26
CA ILE B 198 -0.98 -40.86 4.71
C ILE B 198 0.27 -41.51 5.28
N ASP B 199 1.04 -40.79 6.10
CA ASP B 199 2.18 -41.38 6.77
C ASP B 199 1.77 -41.58 8.24
N HIS B 200 1.78 -42.84 8.68
CA HIS B 200 1.37 -43.28 10.03
C HIS B 200 2.28 -42.78 11.19
N SER B 201 3.50 -42.34 10.90
CA SER B 201 4.41 -41.84 11.93
C SER B 201 4.04 -40.41 12.41
N LEU B 202 3.18 -39.73 11.64
CA LEU B 202 2.82 -38.34 11.93
C LEU B 202 1.67 -38.17 12.89
N TYR B 203 1.04 -39.26 13.30
CA TYR B 203 -0.09 -39.17 14.23
C TYR B 203 -0.14 -40.33 15.22
N THR B 204 -0.95 -40.18 16.26
CA THR B 204 -1.21 -41.24 17.26
C THR B 204 -2.73 -41.45 17.30
N GLY B 205 -3.13 -42.66 17.71
CA GLY B 205 -4.54 -42.99 17.80
C GLY B 205 -5.19 -43.15 16.45
N SER B 206 -6.49 -42.98 16.38
CA SER B 206 -7.26 -43.18 15.16
C SER B 206 -7.54 -41.91 14.37
N LEU B 207 -7.73 -42.10 13.04
CA LEU B 207 -8.19 -41.04 12.17
C LEU B 207 -9.70 -41.07 12.17
N TRP B 208 -10.33 -39.91 12.33
CA TRP B 208 -11.78 -39.77 12.27
C TRP B 208 -12.08 -38.86 11.09
N TYR B 209 -13.10 -39.20 10.29
CA TYR B 209 -13.40 -38.44 9.10
C TYR B 209 -14.71 -37.69 9.16
N THR B 210 -14.68 -36.47 8.65
CA THR B 210 -15.87 -35.62 8.52
C THR B 210 -16.06 -35.43 7.00
N PRO B 211 -17.31 -35.41 6.48
CA PRO B 211 -17.46 -35.20 5.03
C PRO B 211 -17.05 -33.80 4.55
N ILE B 212 -16.53 -33.71 3.32
CA ILE B 212 -16.34 -32.41 2.68
C ILE B 212 -17.78 -32.12 2.18
N ARG B 213 -18.42 -31.09 2.76
CA ARG B 213 -19.82 -30.78 2.46
C ARG B 213 -20.01 -30.45 1.00
N ARG B 214 -19.05 -29.67 0.47
CA ARG B 214 -19.03 -29.22 -0.92
C ARG B 214 -17.61 -28.90 -1.33
N GLU B 215 -17.29 -29.21 -2.58
CA GLU B 215 -15.95 -29.00 -3.10
C GLU B 215 -15.71 -27.61 -3.67
N TRP B 216 -15.34 -26.64 -2.81
CA TRP B 216 -15.02 -25.29 -3.23
C TRP B 216 -13.87 -24.92 -2.29
N TYR B 217 -14.16 -24.50 -1.06
CA TYR B 217 -13.18 -24.49 0.01
C TYR B 217 -13.24 -25.94 0.53
N TYR B 218 -12.41 -26.29 1.52
CA TYR B 218 -12.57 -27.58 2.17
C TYR B 218 -13.61 -27.32 3.27
N GLU B 219 -14.89 -27.34 2.86
CA GLU B 219 -16.01 -27.05 3.76
C GLU B 219 -16.44 -28.24 4.59
N VAL B 220 -16.64 -28.00 5.90
CA VAL B 220 -17.06 -29.01 6.87
C VAL B 220 -18.24 -28.48 7.70
N ILE B 221 -18.83 -29.35 8.56
CA ILE B 221 -19.96 -28.94 9.40
C ILE B 221 -19.65 -29.26 10.86
N ILE B 222 -19.65 -28.20 11.68
CA ILE B 222 -19.47 -28.26 13.14
C ILE B 222 -20.90 -28.42 13.72
N VAL B 223 -21.11 -29.42 14.59
CA VAL B 223 -22.44 -29.72 15.12
C VAL B 223 -22.60 -29.37 16.60
N ARG B 224 -21.48 -29.15 17.31
CA ARG B 224 -21.51 -28.83 18.74
C ARG B 224 -20.16 -28.19 19.11
N VAL B 225 -20.19 -27.26 20.07
CA VAL B 225 -18.97 -26.62 20.57
C VAL B 225 -19.02 -26.67 22.07
N GLU B 226 -17.89 -27.05 22.71
CA GLU B 226 -17.75 -27.05 24.17
C GLU B 226 -16.50 -26.27 24.57
N ILE B 227 -16.56 -25.64 25.74
CA ILE B 227 -15.44 -24.95 26.39
C ILE B 227 -15.30 -25.66 27.71
N ASN B 228 -14.24 -26.44 27.89
CA ASN B 228 -14.07 -27.25 29.12
C ASN B 228 -15.32 -28.14 29.41
N GLY B 229 -15.83 -28.77 28.36
CA GLY B 229 -17.00 -29.67 28.42
C GLY B 229 -18.34 -28.97 28.54
N GLN B 230 -18.36 -27.63 28.72
CA GLN B 230 -19.61 -26.88 28.83
C GLN B 230 -20.09 -26.53 27.44
N ASP B 231 -21.29 -26.97 27.10
CA ASP B 231 -21.85 -26.74 25.78
C ASP B 231 -22.09 -25.24 25.56
N LEU B 232 -21.58 -24.68 24.44
CA LEU B 232 -21.79 -23.25 24.14
C LEU B 232 -23.29 -22.97 23.93
N LYS B 233 -24.04 -24.04 23.62
CA LYS B 233 -25.50 -24.13 23.52
C LYS B 233 -26.13 -23.19 22.47
N MET B 234 -25.44 -22.97 21.35
CA MET B 234 -26.00 -22.13 20.30
C MET B 234 -26.68 -23.04 19.29
N ASP B 235 -27.61 -22.49 18.48
CA ASP B 235 -28.22 -23.23 17.37
C ASP B 235 -26.98 -23.56 16.51
N CYS B 236 -26.75 -24.83 16.19
CA CYS B 236 -25.55 -25.28 15.47
C CYS B 236 -25.36 -24.62 14.11
N LYS B 237 -26.43 -24.05 13.53
CA LYS B 237 -26.33 -23.32 12.25
C LYS B 237 -25.41 -22.09 12.45
N GLU B 238 -25.38 -21.54 13.68
CA GLU B 238 -24.53 -20.38 13.99
C GLU B 238 -23.06 -20.71 13.82
N TYR B 239 -22.67 -21.96 14.11
CA TYR B 239 -21.28 -22.41 14.04
C TYR B 239 -20.75 -22.43 12.60
N ASN B 240 -21.66 -22.58 11.64
CA ASN B 240 -21.31 -22.72 10.23
C ASN B 240 -21.91 -21.60 9.40
N TYR B 241 -22.08 -20.42 10.02
CA TYR B 241 -22.66 -19.29 9.32
C TYR B 241 -21.55 -18.31 8.85
N ASP B 242 -21.31 -18.18 7.52
CA ASP B 242 -22.02 -18.79 6.39
C ASP B 242 -21.41 -20.10 5.89
N LYS B 243 -20.28 -20.53 6.47
CA LYS B 243 -19.62 -21.81 6.14
C LYS B 243 -18.57 -22.09 7.21
N SER B 244 -18.03 -23.30 7.26
CA SER B 244 -16.89 -23.64 8.12
C SER B 244 -15.87 -24.29 7.22
N ILE B 245 -14.63 -23.81 7.28
CA ILE B 245 -13.58 -24.35 6.41
C ILE B 245 -12.31 -24.71 7.17
N VAL B 246 -11.47 -25.56 6.54
CA VAL B 246 -10.14 -25.93 7.07
C VAL B 246 -9.16 -25.17 6.20
N ASP B 247 -8.41 -24.22 6.80
CA ASP B 247 -7.56 -23.31 6.07
C ASP B 247 -6.18 -23.10 6.65
N SER B 248 -5.16 -23.80 6.07
CA SER B 248 -3.76 -23.65 6.46
C SER B 248 -3.23 -22.25 6.11
N GLY B 249 -3.94 -21.51 5.26
CA GLY B 249 -3.56 -20.15 4.85
C GLY B 249 -4.08 -19.05 5.73
N THR B 250 -4.63 -19.40 6.90
CA THR B 250 -5.09 -18.46 7.93
C THR B 250 -4.39 -18.87 9.23
N THR B 251 -3.94 -17.90 10.00
CA THR B 251 -3.27 -18.20 11.28
C THR B 251 -4.27 -18.71 12.33
N ASN B 252 -5.29 -17.89 12.65
CA ASN B 252 -6.18 -18.15 13.79
C ASN B 252 -7.29 -19.12 13.59
N LEU B 253 -7.91 -19.52 14.74
CA LEU B 253 -9.21 -20.14 14.69
C LEU B 253 -10.12 -18.87 14.54
N ARG B 254 -10.87 -18.74 13.44
CA ARG B 254 -11.78 -17.59 13.28
C ARG B 254 -13.21 -18.07 13.45
N LEU B 255 -14.00 -17.34 14.20
CA LEU B 255 -15.39 -17.74 14.50
C LEU B 255 -16.38 -16.67 14.07
N PRO B 256 -17.59 -17.06 13.60
CA PRO B 256 -18.63 -16.06 13.27
C PRO B 256 -18.87 -15.16 14.48
N LYS B 257 -19.11 -13.88 14.22
CA LYS B 257 -19.31 -12.85 15.26
C LYS B 257 -20.07 -13.34 16.51
N LYS B 258 -21.30 -13.89 16.34
CA LYS B 258 -22.06 -14.35 17.50
C LYS B 258 -21.38 -15.47 18.28
N VAL B 259 -20.76 -16.41 17.57
CA VAL B 259 -20.05 -17.56 18.17
C VAL B 259 -18.80 -17.04 18.89
N PHE B 260 -18.06 -16.12 18.26
CA PHE B 260 -16.88 -15.51 18.84
C PHE B 260 -17.24 -14.85 20.19
N GLU B 261 -18.29 -14.02 20.19
CA GLU B 261 -18.75 -13.34 21.43
C GLU B 261 -19.09 -14.36 22.53
N ALA B 262 -19.82 -15.42 22.21
CA ALA B 262 -20.18 -16.48 23.18
C ALA B 262 -18.95 -17.25 23.68
N ALA B 263 -18.03 -17.60 22.75
CA ALA B 263 -16.83 -18.36 23.10
C ALA B 263 -15.92 -17.53 23.99
N VAL B 264 -15.67 -16.25 23.64
CA VAL B 264 -14.81 -15.38 24.46
C VAL B 264 -15.40 -15.18 25.87
N LYS B 265 -16.71 -15.01 25.97
CA LYS B 265 -17.37 -14.89 27.30
C LYS B 265 -17.06 -16.15 28.13
N SER B 266 -17.22 -17.34 27.54
CA SER B 266 -17.00 -18.60 28.25
C SER B 266 -15.50 -18.82 28.56
N ILE B 267 -14.59 -18.48 27.63
CA ILE B 267 -13.15 -18.64 27.88
C ILE B 267 -12.71 -17.65 28.98
N LYS B 268 -13.26 -16.43 28.98
CA LYS B 268 -12.97 -15.45 30.03
C LYS B 268 -13.44 -15.99 31.39
N ALA B 269 -14.67 -16.54 31.44
CA ALA B 269 -15.25 -17.08 32.69
C ALA B 269 -14.42 -18.26 33.22
N ALA B 270 -13.95 -19.16 32.34
CA ALA B 270 -13.13 -20.30 32.74
C ALA B 270 -11.74 -19.87 33.24
N SER B 271 -11.16 -18.79 32.67
CA SER B 271 -9.84 -18.31 33.07
C SER B 271 -9.91 -17.12 34.04
N SER B 272 -11.08 -16.89 34.70
CA SER B 272 -11.33 -15.68 35.50
C SER B 272 -10.41 -15.46 36.71
N THR B 273 -9.60 -16.45 37.14
CA THR B 273 -8.65 -16.22 38.24
C THR B 273 -7.55 -15.21 37.85
N GLU B 274 -7.39 -14.95 36.54
CA GLU B 274 -6.49 -13.94 36.02
C GLU B 274 -7.25 -13.05 35.07
N LYS B 275 -7.05 -11.75 35.21
CA LYS B 275 -7.72 -10.78 34.37
C LYS B 275 -6.77 -10.24 33.32
N PHE B 276 -7.20 -10.27 32.05
CA PHE B 276 -6.39 -9.83 30.93
C PHE B 276 -7.03 -8.60 30.29
N PRO B 277 -6.20 -7.66 29.77
CA PRO B 277 -6.77 -6.47 29.14
C PRO B 277 -7.57 -6.80 27.90
N ASP B 278 -8.47 -5.87 27.52
CA ASP B 278 -9.33 -6.02 26.36
C ASP B 278 -8.55 -6.32 25.09
N GLY B 279 -7.41 -5.66 24.93
CA GLY B 279 -6.53 -5.81 23.77
C GLY B 279 -6.03 -7.23 23.60
N PHE B 280 -5.89 -7.99 24.71
CA PHE B 280 -5.47 -9.40 24.64
C PHE B 280 -6.58 -10.21 23.94
N TRP B 281 -7.83 -10.08 24.40
CA TRP B 281 -8.98 -10.81 23.85
C TRP B 281 -9.31 -10.38 22.41
N LEU B 282 -8.84 -9.18 22.00
CA LEU B 282 -8.98 -8.68 20.63
C LEU B 282 -7.87 -9.25 19.71
N GLY B 283 -6.94 -10.02 20.29
CA GLY B 283 -5.85 -10.63 19.53
C GLY B 283 -4.79 -9.65 19.11
N GLU B 284 -4.84 -8.44 19.66
CA GLU B 284 -3.93 -7.36 19.34
C GLU B 284 -2.71 -7.35 20.23
N GLN B 285 -2.89 -7.50 21.56
CA GLN B 285 -1.73 -7.39 22.45
C GLN B 285 -1.32 -8.70 23.10
N LEU B 286 -0.02 -8.81 23.37
CA LEU B 286 0.50 -10.02 23.95
C LEU B 286 0.32 -10.03 25.45
N VAL B 287 0.37 -11.21 26.02
CA VAL B 287 0.38 -11.43 27.47
C VAL B 287 1.65 -12.23 27.73
N CYS B 288 2.39 -11.86 28.80
CA CYS B 288 3.66 -12.47 29.19
C CYS B 288 3.60 -12.98 30.59
N TRP B 289 4.32 -14.09 30.83
CA TRP B 289 4.52 -14.66 32.16
C TRP B 289 6.00 -14.93 32.33
N GLN B 290 6.47 -14.93 33.57
CA GLN B 290 7.86 -15.28 33.86
C GLN B 290 8.16 -16.65 33.19
N ALA B 291 9.38 -16.82 32.67
CA ALA B 291 9.82 -18.03 31.99
C ALA B 291 9.35 -19.33 32.69
N GLY B 292 8.67 -20.18 31.93
CA GLY B 292 8.15 -21.46 32.39
C GLY B 292 6.88 -21.44 33.23
N THR B 293 6.34 -20.23 33.56
CA THR B 293 5.17 -20.12 34.46
C THR B 293 3.81 -19.87 33.79
N THR B 294 3.72 -20.02 32.46
CA THR B 294 2.43 -19.87 31.77
C THR B 294 1.41 -20.76 32.50
N PRO B 295 0.29 -20.16 32.95
CA PRO B 295 -0.71 -20.92 33.71
C PRO B 295 -1.68 -21.65 32.77
N TRP B 296 -1.16 -22.58 31.95
CA TRP B 296 -1.96 -23.36 31.01
C TRP B 296 -3.27 -23.86 31.63
N ASN B 297 -3.18 -24.39 32.87
CA ASN B 297 -4.29 -25.01 33.58
C ASN B 297 -5.51 -24.09 33.83
N ILE B 298 -5.31 -22.76 33.86
CA ILE B 298 -6.47 -21.86 34.09
C ILE B 298 -7.28 -21.66 32.80
N PHE B 299 -6.67 -21.94 31.63
CA PHE B 299 -7.34 -21.78 30.35
C PHE B 299 -8.04 -23.10 30.00
N PRO B 300 -9.23 -23.00 29.42
CA PRO B 300 -10.00 -24.20 29.10
C PRO B 300 -9.57 -24.88 27.80
N VAL B 301 -9.98 -26.14 27.65
CA VAL B 301 -9.83 -26.83 26.38
C VAL B 301 -11.05 -26.45 25.53
N ILE B 302 -10.92 -26.57 24.21
CA ILE B 302 -12.02 -26.25 23.28
C ILE B 302 -12.28 -27.47 22.46
N SER B 303 -13.54 -27.92 22.41
CA SER B 303 -13.94 -29.11 21.64
C SER B 303 -14.90 -28.69 20.55
N LEU B 304 -14.56 -29.06 19.32
CA LEU B 304 -15.37 -28.82 18.13
C LEU B 304 -15.84 -30.21 17.67
N TYR B 305 -17.16 -30.43 17.67
CA TYR B 305 -17.74 -31.71 17.21
C TYR B 305 -18.02 -31.56 15.73
N LEU B 306 -17.58 -32.52 14.95
CA LEU B 306 -17.75 -32.50 13.51
C LEU B 306 -18.67 -33.64 13.07
N MET B 307 -19.46 -33.40 12.02
CA MET B 307 -20.34 -34.43 11.45
C MET B 307 -19.51 -35.67 11.05
N GLY B 308 -19.97 -36.85 11.43
CA GLY B 308 -19.26 -38.08 11.09
C GLY B 308 -19.66 -38.60 9.73
N GLU B 309 -19.04 -39.70 9.28
CA GLU B 309 -19.38 -40.31 7.99
C GLU B 309 -20.63 -41.20 8.10
N VAL B 310 -20.96 -41.65 9.32
CA VAL B 310 -22.11 -42.49 9.62
C VAL B 310 -23.28 -41.58 10.02
N THR B 311 -24.49 -41.92 9.55
CA THR B 311 -25.73 -41.20 9.88
C THR B 311 -25.87 -41.08 11.42
N ASN B 312 -26.25 -39.89 11.89
CA ASN B 312 -26.47 -39.53 13.30
C ASN B 312 -25.24 -39.72 14.20
N GLN B 313 -24.05 -39.70 13.59
CA GLN B 313 -22.82 -39.89 14.35
C GLN B 313 -21.90 -38.66 14.18
N SER B 314 -21.24 -38.25 15.25
CA SER B 314 -20.27 -37.17 15.19
C SER B 314 -18.99 -37.59 15.94
N PHE B 315 -17.93 -36.79 15.83
CA PHE B 315 -16.74 -37.01 16.63
C PHE B 315 -16.27 -35.63 17.05
N ARG B 316 -15.30 -35.56 17.98
CA ARG B 316 -14.80 -34.27 18.41
C ARG B 316 -13.32 -34.17 18.30
N ILE B 317 -12.84 -32.94 18.10
CA ILE B 317 -11.41 -32.63 18.13
C ILE B 317 -11.28 -31.63 19.31
N THR B 318 -10.29 -31.86 20.17
CA THR B 318 -10.08 -31.07 21.39
C THR B 318 -8.76 -30.34 21.28
N ILE B 319 -8.82 -29.02 21.45
CA ILE B 319 -7.74 -28.05 21.29
C ILE B 319 -7.36 -27.56 22.71
N LEU B 320 -6.06 -27.44 22.99
CA LEU B 320 -5.57 -26.93 24.28
C LEU B 320 -5.24 -25.44 24.15
N PRO B 321 -5.05 -24.68 25.26
CA PRO B 321 -4.52 -23.32 25.13
C PRO B 321 -3.13 -23.31 24.46
N GLN B 322 -2.37 -24.45 24.48
CA GLN B 322 -1.07 -24.53 23.79
C GLN B 322 -1.26 -24.39 22.26
N GLN B 323 -2.51 -24.58 21.79
CA GLN B 323 -2.83 -24.32 20.38
C GLN B 323 -3.39 -22.94 20.19
N TYR B 324 -4.40 -22.51 21.01
CA TYR B 324 -5.03 -21.23 20.73
C TYR B 324 -4.30 -20.01 21.33
N LEU B 325 -3.22 -20.20 22.09
CA LEU B 325 -2.34 -19.11 22.54
C LEU B 325 -1.08 -19.23 21.67
N ARG B 326 -0.87 -18.25 20.78
CA ARG B 326 0.23 -18.31 19.81
C ARG B 326 1.51 -17.74 20.40
N PRO B 327 2.63 -18.52 20.49
CA PRO B 327 3.87 -17.96 21.09
C PRO B 327 4.45 -16.83 20.25
N VAL B 328 4.80 -15.73 20.92
CA VAL B 328 5.39 -14.54 20.27
C VAL B 328 6.55 -14.04 21.17
N GLU B 329 7.59 -13.47 20.58
CA GLU B 329 8.73 -12.97 21.36
C GLU B 329 8.34 -11.60 21.91
N ASP B 330 8.76 -11.28 23.12
CA ASP B 330 8.44 -10.01 23.77
C ASP B 330 9.15 -8.85 23.08
N VAL B 331 8.54 -7.64 23.19
CA VAL B 331 9.05 -6.37 22.68
C VAL B 331 10.45 -6.11 23.31
N ALA B 332 10.60 -6.41 24.61
CA ALA B 332 11.83 -6.27 25.39
C ALA B 332 12.85 -7.42 25.15
N THR B 333 12.51 -8.38 24.25
CA THR B 333 13.31 -9.58 23.87
C THR B 333 13.69 -10.43 25.13
N SER B 334 12.95 -10.20 26.25
CA SER B 334 13.08 -10.78 27.59
C SER B 334 13.11 -12.31 27.65
N GLN B 335 13.21 -12.87 28.87
CA GLN B 335 13.15 -14.31 29.09
C GLN B 335 11.73 -14.74 29.41
N ASP B 336 10.76 -13.80 29.32
CA ASP B 336 9.36 -14.11 29.57
C ASP B 336 8.79 -14.98 28.45
N ASP B 337 7.76 -15.77 28.77
CA ASP B 337 7.04 -16.55 27.79
C ASP B 337 5.78 -15.75 27.45
N CYS B 338 5.67 -15.28 26.22
CA CYS B 338 4.59 -14.41 25.73
C CYS B 338 3.78 -15.05 24.62
N TYR B 339 2.51 -14.64 24.52
CA TYR B 339 1.56 -15.18 23.56
C TYR B 339 0.54 -14.16 23.14
N LYS B 340 -0.07 -14.40 21.97
CA LYS B 340 -1.24 -13.67 21.47
C LYS B 340 -2.41 -14.65 21.46
N PHE B 341 -3.63 -14.16 21.73
CA PHE B 341 -4.84 -14.94 21.70
C PHE B 341 -5.15 -15.16 20.21
N ALA B 342 -5.08 -16.44 19.75
CA ALA B 342 -5.23 -16.80 18.34
C ALA B 342 -6.63 -17.26 17.96
N ILE B 343 -7.62 -16.65 18.61
CA ILE B 343 -9.03 -16.85 18.27
C ILE B 343 -9.56 -15.46 17.94
N SER B 344 -10.20 -15.31 16.78
CA SER B 344 -10.68 -14.00 16.38
C SER B 344 -12.01 -14.08 15.61
N GLN B 345 -12.63 -12.94 15.44
CA GLN B 345 -13.92 -12.80 14.81
C GLN B 345 -13.85 -12.90 13.30
N SER B 346 -14.90 -13.46 12.72
CA SER B 346 -15.06 -13.56 11.29
C SER B 346 -16.46 -13.13 10.85
N SER B 347 -16.56 -12.58 9.62
CA SER B 347 -17.85 -12.25 9.02
C SER B 347 -18.02 -13.20 7.83
N THR B 348 -17.09 -14.17 7.65
CA THR B 348 -17.16 -15.12 6.53
C THR B 348 -17.19 -16.58 6.98
N GLY B 349 -17.70 -16.82 8.19
CA GLY B 349 -17.83 -18.15 8.74
C GLY B 349 -16.65 -18.61 9.58
N THR B 350 -16.71 -19.87 10.04
CA THR B 350 -15.63 -20.43 10.85
C THR B 350 -14.44 -20.75 9.97
N VAL B 351 -13.23 -20.43 10.47
CA VAL B 351 -12.00 -20.80 9.76
C VAL B 351 -11.11 -21.58 10.73
N MET B 352 -10.87 -22.86 10.45
CA MET B 352 -9.97 -23.66 11.29
C MET B 352 -8.58 -23.42 10.70
N GLY B 353 -7.90 -22.41 11.23
CA GLY B 353 -6.58 -21.99 10.74
C GLY B 353 -5.43 -22.81 11.26
N ALA B 354 -4.20 -22.34 10.98
CA ALA B 354 -2.95 -22.99 11.31
C ALA B 354 -2.84 -23.35 12.80
N VAL B 355 -3.28 -22.46 13.72
CA VAL B 355 -3.16 -22.79 15.15
C VAL B 355 -3.98 -24.03 15.55
N ILE B 356 -5.13 -24.28 14.90
CA ILE B 356 -5.96 -25.48 15.17
C ILE B 356 -5.31 -26.67 14.49
N MET B 357 -4.89 -26.50 13.22
CA MET B 357 -4.23 -27.57 12.46
C MET B 357 -2.96 -28.07 13.14
N GLU B 358 -2.28 -27.21 13.94
CA GLU B 358 -1.08 -27.59 14.68
C GLU B 358 -1.32 -28.72 15.71
N GLY B 359 -2.56 -28.86 16.15
CA GLY B 359 -2.90 -29.91 17.10
C GLY B 359 -3.09 -31.28 16.45
N PHE B 360 -3.28 -31.29 15.10
CA PHE B 360 -3.68 -32.49 14.37
C PHE B 360 -2.94 -32.83 13.08
N TYR B 361 -3.02 -34.11 12.72
CA TYR B 361 -2.60 -34.56 11.40
C TYR B 361 -3.92 -34.51 10.61
N VAL B 362 -3.94 -33.72 9.52
CA VAL B 362 -5.17 -33.49 8.76
C VAL B 362 -5.04 -34.08 7.37
N VAL B 363 -5.95 -35.00 7.05
CA VAL B 363 -5.98 -35.75 5.78
C VAL B 363 -7.03 -35.16 4.86
N PHE B 364 -6.59 -34.55 3.73
CA PHE B 364 -7.49 -33.98 2.73
C PHE B 364 -7.79 -35.07 1.68
N ASP B 365 -8.73 -35.93 2.02
CA ASP B 365 -9.07 -37.08 1.19
C ASP B 365 -10.07 -36.67 0.11
N ARG B 366 -9.52 -36.05 -0.94
CA ARG B 366 -10.33 -35.53 -2.05
C ARG B 366 -11.04 -36.69 -2.78
N ALA B 367 -10.35 -37.82 -2.95
CA ALA B 367 -10.91 -39.00 -3.62
C ALA B 367 -12.21 -39.51 -2.94
N ARG B 368 -12.29 -39.43 -1.58
CA ARG B 368 -13.45 -39.90 -0.85
C ARG B 368 -14.25 -38.75 -0.23
N LYS B 369 -14.01 -37.50 -0.73
CA LYS B 369 -14.73 -36.29 -0.32
C LYS B 369 -14.89 -36.21 1.22
N ARG B 370 -13.75 -36.32 1.93
CA ARG B 370 -13.75 -36.29 3.40
C ARG B 370 -12.44 -35.73 3.95
N ILE B 371 -12.51 -35.17 5.16
CA ILE B 371 -11.33 -34.66 5.87
C ILE B 371 -11.11 -35.52 7.12
N GLY B 372 -9.90 -36.04 7.27
CA GLY B 372 -9.55 -36.84 8.43
C GLY B 372 -8.74 -36.06 9.44
N PHE B 373 -8.97 -36.37 10.73
CA PHE B 373 -8.27 -35.75 11.85
C PHE B 373 -7.78 -36.82 12.79
N ALA B 374 -6.51 -36.67 13.21
CA ALA B 374 -5.88 -37.52 14.21
C ALA B 374 -4.99 -36.64 15.07
N VAL B 375 -4.75 -37.04 16.33
CA VAL B 375 -3.84 -36.30 17.20
C VAL B 375 -2.47 -36.24 16.52
N SER B 376 -1.88 -35.06 16.43
CA SER B 376 -0.59 -34.91 15.78
C SER B 376 0.52 -35.41 16.68
N ALA B 377 1.47 -36.13 16.09
CA ALA B 377 2.67 -36.57 16.79
C ALA B 377 3.55 -35.32 17.21
N CYS B 378 3.29 -34.12 16.65
CA CYS B 378 4.07 -32.96 17.03
C CYS B 378 3.22 -31.86 17.74
N HIS B 379 2.02 -32.21 18.27
CA HIS B 379 1.24 -31.18 18.97
C HIS B 379 1.87 -30.80 20.32
N VAL B 380 1.77 -29.53 20.69
CA VAL B 380 2.30 -29.02 21.95
C VAL B 380 1.28 -29.30 23.05
N HIS B 381 1.73 -29.83 24.19
CA HIS B 381 0.81 -30.10 25.31
C HIS B 381 1.58 -29.99 26.64
N ASP B 382 0.95 -30.41 27.75
CA ASP B 382 1.65 -30.39 29.04
C ASP B 382 1.55 -31.78 29.68
N GLU B 383 1.97 -31.96 30.94
CA GLU B 383 1.88 -33.32 31.49
C GLU B 383 0.45 -33.71 31.89
N PHE B 384 -0.46 -32.74 31.97
CA PHE B 384 -1.82 -33.02 32.45
C PHE B 384 -2.88 -33.18 31.39
N ARG B 385 -2.73 -32.53 30.22
CA ARG B 385 -3.74 -32.57 29.14
C ARG B 385 -3.10 -32.77 27.79
N THR B 386 -3.86 -33.34 26.87
CA THR B 386 -3.37 -33.55 25.50
C THR B 386 -4.49 -33.14 24.52
N ALA B 387 -4.15 -32.84 23.26
CA ALA B 387 -5.21 -32.66 22.28
C ALA B 387 -5.85 -34.06 22.09
N ALA B 388 -7.08 -34.13 21.58
CA ALA B 388 -7.74 -35.40 21.39
C ALA B 388 -8.60 -35.43 20.12
N VAL B 389 -8.80 -36.61 19.58
CA VAL B 389 -9.74 -36.81 18.46
C VAL B 389 -10.51 -38.06 18.93
N GLU B 390 -11.80 -37.88 19.26
CA GLU B 390 -12.57 -38.94 19.93
C GLU B 390 -13.95 -39.09 19.37
N GLY B 391 -14.47 -40.30 19.47
CA GLY B 391 -15.84 -40.57 19.04
C GLY B 391 -16.21 -42.03 19.23
N PRO B 392 -17.41 -42.43 18.80
CA PRO B 392 -18.47 -41.61 18.20
C PRO B 392 -19.41 -41.04 19.24
N PHE B 393 -20.21 -40.05 18.86
CA PHE B 393 -21.27 -39.44 19.70
C PHE B 393 -22.54 -39.46 18.90
N VAL B 394 -23.66 -39.75 19.55
CA VAL B 394 -24.95 -39.74 18.87
C VAL B 394 -25.34 -38.27 18.72
N THR B 395 -25.51 -37.83 17.48
CA THR B 395 -25.89 -36.45 17.17
C THR B 395 -26.99 -36.46 16.10
N LEU B 396 -28.14 -35.83 16.39
CA LEU B 396 -29.27 -35.79 15.44
C LEU B 396 -29.37 -34.48 14.67
N ASP B 397 -30.06 -34.52 13.50
CA ASP B 397 -30.37 -33.37 12.63
C ASP B 397 -29.14 -32.52 12.27
N MET B 398 -28.01 -33.20 11.99
CA MET B 398 -26.74 -32.56 11.69
C MET B 398 -26.73 -31.80 10.35
N GLU B 399 -27.56 -32.22 9.36
CA GLU B 399 -27.63 -31.52 8.07
C GLU B 399 -28.24 -30.13 8.28
N ASP B 400 -29.06 -29.98 9.36
CA ASP B 400 -29.63 -28.71 9.77
C ASP B 400 -28.55 -27.76 10.28
N CYS B 401 -27.36 -28.28 10.64
CA CYS B 401 -26.28 -27.39 11.10
C CYS B 401 -25.64 -26.62 9.93
N GLY B 402 -25.75 -27.16 8.73
CA GLY B 402 -25.23 -26.52 7.53
C GLY B 402 -26.06 -25.31 7.15
N TYR B 403 -25.41 -24.24 6.73
CA TYR B 403 -26.08 -23.02 6.31
C TYR B 403 -26.34 -23.01 4.79
N ASN B 404 -27.49 -22.45 4.37
CA ASN B 404 -27.88 -22.32 2.97
C ASN B 404 -28.17 -20.86 2.62
O1 TLA C . 17.14 38.97 -21.48
O11 TLA C . 15.84 40.78 -21.15
C1 TLA C . 16.11 39.48 -21.08
C2 TLA C . 15.02 38.67 -20.39
O2 TLA C . 15.36 37.29 -20.35
C3 TLA C . 13.66 38.87 -21.08
O3 TLA C . 13.74 38.54 -22.45
C4 TLA C . 12.58 38.06 -20.36
O4 TLA C . 11.92 37.22 -21.14
O41 TLA C . 12.35 38.19 -19.16
C1 66H D . 13.83 20.86 -6.75
C2 66H D . 13.32 19.44 -6.85
N3 66H D . 11.99 19.45 -6.46
C4 66H D . 11.63 20.70 -6.01
N5 66H D . 12.70 21.53 -6.13
C7 66H D . 11.16 18.26 -6.44
C9 66H D . 13.97 21.34 -8.17
C10 66H D . 15.07 21.01 -5.87
C11 66H D . 15.40 22.27 -5.39
C12 66H D . 16.52 22.47 -4.59
C13 66H D . 17.33 21.39 -4.27
C14 66H D . 17.01 20.13 -4.74
C15 66H D . 15.90 19.96 -5.54
C16 66H D . 12.83 21.67 -8.91
C17 66H D . 12.89 22.09 -10.22
C18 66H D . 14.13 22.19 -10.84
C19 66H D . 15.27 21.87 -10.12
C20 66H D . 15.19 21.45 -8.81
N6 66H D . 10.44 21.02 -5.57
O8 66H D . 13.98 18.48 -7.24
N21 66H D . 11.67 22.38 -10.85
C22 66H D . 11.36 22.36 -12.20
O23 66H D . 12.18 22.28 -13.09
C24 66H D . 9.95 22.47 -12.48
O25 66H D . 9.11 22.80 -11.46
C26 66H D . 7.84 22.83 -11.93
C27 66H D . 7.85 22.53 -13.27
C28 66H D . 9.20 22.30 -13.63
O1 TLA E . 17.85 -17.86 -1.11
O11 TLA E . 18.32 -20.01 -1.54
C1 TLA E . 17.65 -19.05 -0.94
C2 TLA E . 16.54 -19.57 -0.03
O2 TLA E . 15.87 -18.50 0.61
C3 TLA E . 17.10 -20.51 1.03
O3 TLA E . 18.04 -19.82 1.82
C4 TLA E . 15.95 -21.07 1.88
O4 TLA E . 16.04 -20.78 3.17
O41 TLA E . 15.06 -21.74 1.38
C1 66H F . -5.39 -15.94 1.08
C2 66H F . -6.35 -15.44 2.12
N3 66H F . -6.81 -16.53 2.85
C4 66H F . -6.29 -17.71 2.35
N5 66H F . -5.55 -17.39 1.26
C7 66H F . -7.55 -16.39 4.09
C9 66H F . -4.00 -15.53 1.51
C10 66H F . -5.78 -15.61 -0.36
C11 66H F . -5.28 -16.37 -1.39
C12 66H F . -5.62 -16.14 -2.71
C13 66H F . -6.51 -15.12 -3.00
C14 66H F . -7.02 -14.34 -1.99
C15 66H F . -6.65 -14.58 -0.68
C16 66H F . -3.42 -16.15 2.59
C17 66H F . -2.15 -15.82 3.03
C18 66H F . -1.43 -14.87 2.34
C19 66H F . -2.01 -14.22 1.25
C20 66H F . -3.28 -14.56 0.84
N6 66H F . -6.51 -18.89 2.83
O8 66H F . -6.63 -14.26 2.27
N21 66H F . -1.67 -16.53 4.14
C22 66H F . -0.66 -16.14 5.00
O23 66H F . 0.04 -15.16 4.82
C24 66H F . -0.54 -16.96 6.16
O25 66H F . -1.17 -18.16 6.20
C26 66H F . -0.91 -18.75 7.42
C27 66H F . -0.10 -17.91 8.16
C28 66H F . 0.14 -16.77 7.36
#